data_5BK0
#
_entry.id   5BK0
#
_cell.length_a   179.815
_cell.length_b   132.674
_cell.length_c   51.020
_cell.angle_alpha   90.00
_cell.angle_beta   93.49
_cell.angle_gamma   90.00
#
_symmetry.space_group_name_H-M   'C 1 2 1'
#
loop_
_entity.id
_entity.type
_entity.pdbx_description
1 polymer '663 Antibody, light chain'
2 polymer '663 Antibody, heavy chain'
3 polymer 'Circumsporozoite protein NANP 5-mer'
4 non-polymer GLYCEROL
#
loop_
_entity_poly.entity_id
_entity_poly.type
_entity_poly.pdbx_seq_one_letter_code
_entity_poly.pdbx_strand_id
1 'polypeptide(L)'
;DIVMTQSPLSLPVSPGEPASISCRSTQSLIFGEHNYLDWYLQKPGQSPQLLIYLASNRASGVPDRFSGSGSGTYFTLKIS
RVEAEDFGVYYCVQTVQVPYTFGQGTKLEIKRTVAAPSVFIFPPSDEQLKSGTASVVCLLNNFYPREAKVQWKVDNALQS
GNSQESVTEQDSKDSTYSLSSTLTLSKADYEKHKVYACEVTHQGLSSPVTKSFNRGE
;
A,C
2 'polypeptide(L)'
;EVQLLESGGGLEQPGGSLRLSCVVSGFTFSNYAFNWVRQAPGKGLEWVAIIYRSGSRMYHADSVKGRFTISRDDSKNTLF
LQMNNLRAEDTAVYYCTTLLIYESDVGVDFWGQGTLVTVSSASTKGPSVFPLAPSSKSTSGGTAALGCLVKDYFPEPVTV
SWNSGALTSGVHTFPAVLQSSGLYSLSSVVTVPSSSLGTQTYICNVNHKPSNTKVDKKVEPK
;
B,D
3 'polypeptide(L)' NANPNANPNANPNANPNANP E
#
loop_
_chem_comp.id
_chem_comp.type
_chem_comp.name
_chem_comp.formula
GOL non-polymer GLYCEROL 'C3 H8 O3'
#
# COMPACT_ATOMS: atom_id res chain seq x y z
N ASP A 1 -18.95 18.51 -26.08
CA ASP A 1 -17.54 18.17 -26.26
C ASP A 1 -17.26 17.75 -27.70
N ILE A 2 -15.99 17.48 -27.99
CA ILE A 2 -15.56 16.98 -29.29
C ILE A 2 -15.39 15.46 -29.19
N VAL A 3 -15.98 14.74 -30.13
CA VAL A 3 -15.96 13.28 -30.12
C VAL A 3 -14.94 12.81 -31.15
N MET A 4 -13.97 12.01 -30.69
CA MET A 4 -12.93 11.46 -31.55
C MET A 4 -13.31 10.01 -31.81
N THR A 5 -13.47 9.68 -33.09
CA THR A 5 -13.86 8.35 -33.52
C THR A 5 -12.71 7.71 -34.26
N GLN A 6 -12.19 6.61 -33.74
CA GLN A 6 -11.09 5.89 -34.33
C GLN A 6 -11.63 4.67 -35.07
N SER A 7 -10.97 4.32 -36.17
CA SER A 7 -11.39 3.17 -36.94
C SER A 7 -10.15 2.59 -37.61
N PRO A 8 -9.96 1.27 -37.56
CA PRO A 8 -10.90 0.40 -36.83
C PRO A 8 -10.58 0.35 -35.35
N LEU A 9 -11.40 -0.40 -34.60
CA LEU A 9 -11.13 -0.54 -33.17
C LEU A 9 -10.12 -1.63 -32.92
N SER A 10 -10.08 -2.64 -33.80
CA SER A 10 -9.10 -3.71 -33.75
C SER A 10 -8.53 -3.88 -35.14
N LEU A 11 -7.21 -4.01 -35.23
CA LEU A 11 -6.51 -4.03 -36.52
C LEU A 11 -5.50 -5.16 -36.51
N PRO A 12 -5.88 -6.34 -37.01
CA PRO A 12 -4.93 -7.45 -37.14
C PRO A 12 -4.12 -7.29 -38.41
N VAL A 13 -2.80 -7.33 -38.27
CA VAL A 13 -1.89 -7.11 -39.39
C VAL A 13 -0.73 -8.08 -39.23
N SER A 14 -0.37 -8.75 -40.33
CA SER A 14 0.81 -9.59 -40.27
C SER A 14 2.06 -8.72 -40.34
N PRO A 15 3.17 -9.16 -39.73
CA PRO A 15 4.40 -8.36 -39.80
C PRO A 15 4.88 -8.23 -41.23
N GLY A 16 5.26 -7.01 -41.61
CA GLY A 16 5.71 -6.71 -42.95
C GLY A 16 4.65 -6.08 -43.83
N GLU A 17 3.37 -6.27 -43.50
CA GLU A 17 2.23 -5.74 -44.25
C GLU A 17 1.89 -4.36 -43.72
N PRO A 18 1.33 -3.48 -44.54
CA PRO A 18 1.03 -2.12 -44.06
C PRO A 18 -0.22 -2.10 -43.20
N ALA A 19 -0.31 -1.06 -42.37
CA ALA A 19 -1.45 -0.83 -41.51
C ALA A 19 -1.86 0.64 -41.62
N SER A 20 -3.16 0.88 -41.45
CA SER A 20 -3.71 2.22 -41.58
C SER A 20 -4.80 2.39 -40.54
N ILE A 21 -4.67 3.47 -39.75
CA ILE A 21 -5.60 3.81 -38.69
C ILE A 21 -6.09 5.23 -38.91
N SER A 22 -7.40 5.42 -38.84
CA SER A 22 -8.06 6.69 -39.07
C SER A 22 -8.63 7.24 -37.77
N CYS A 23 -8.78 8.57 -37.74
CA CYS A 23 -9.25 9.30 -36.58
C CYS A 23 -10.15 10.40 -37.12
N ARG A 24 -11.39 10.42 -36.62
CA ARG A 24 -12.42 11.36 -37.06
C ARG A 24 -12.81 12.29 -35.92
N SER A 25 -12.98 13.56 -36.24
CA SER A 25 -13.45 14.51 -35.25
C SER A 25 -14.84 15.01 -35.64
N THR A 26 -15.59 15.50 -34.66
CA THR A 26 -16.88 16.10 -34.93
C THR A 26 -16.80 17.61 -35.11
N GLN A 27 -15.59 18.17 -35.08
CA GLN A 27 -15.37 19.60 -35.22
C GLN A 27 -13.96 19.77 -35.77
N SER A 28 -13.77 20.78 -36.62
CA SER A 28 -12.45 21.02 -37.20
C SER A 28 -11.41 21.29 -36.11
N LEU A 29 -10.24 20.68 -36.29
CA LEU A 29 -9.11 20.80 -35.37
C LEU A 29 -8.07 21.82 -35.83
N ILE A 30 -8.41 22.67 -36.79
CA ILE A 30 -7.44 23.64 -37.28
C ILE A 30 -7.43 24.84 -36.33
N PHE A 31 -6.24 25.29 -35.97
CA PHE A 31 -6.02 26.61 -35.42
C PHE A 31 -4.74 27.17 -36.01
N GLY A 32 -4.84 28.31 -36.69
CA GLY A 32 -3.69 28.89 -37.37
C GLY A 32 -3.24 28.01 -38.52
N GLU A 33 -1.95 27.66 -38.53
CA GLU A 33 -1.36 26.86 -39.59
C GLU A 33 -1.01 25.45 -39.12
N HIS A 34 -1.73 24.95 -38.12
CA HIS A 34 -1.53 23.61 -37.59
C HIS A 34 -2.86 22.93 -37.32
N ASN A 35 -2.87 21.60 -37.46
CA ASN A 35 -3.97 20.77 -37.01
C ASN A 35 -3.57 20.15 -35.68
N TYR A 36 -4.38 20.37 -34.65
CA TYR A 36 -4.01 19.97 -33.28
C TYR A 36 -4.53 18.58 -32.98
N LEU A 37 -3.87 17.61 -33.61
CA LEU A 37 -4.13 16.19 -33.42
C LEU A 37 -2.80 15.47 -33.32
N ASP A 38 -2.65 14.65 -32.28
CA ASP A 38 -1.44 13.91 -32.02
C ASP A 38 -1.77 12.42 -32.01
N TRP A 39 -0.77 11.59 -32.33
CA TRP A 39 -0.94 10.15 -32.33
C TRP A 39 -0.02 9.56 -31.27
N TYR A 40 -0.56 8.67 -30.45
CA TYR A 40 0.19 8.02 -29.39
C TYR A 40 0.12 6.50 -29.51
N LEU A 41 1.17 5.84 -29.03
CA LEU A 41 1.18 4.39 -28.89
C LEU A 41 1.41 4.05 -27.43
N GLN A 42 0.55 3.21 -26.89
CA GLN A 42 0.68 2.73 -25.51
C GLN A 42 0.82 1.22 -25.50
N LYS A 43 1.97 0.74 -25.07
CA LYS A 43 2.15 -0.69 -24.90
C LYS A 43 1.68 -1.10 -23.51
N PRO A 44 1.30 -2.37 -23.32
CA PRO A 44 0.76 -2.79 -22.01
C PRO A 44 1.76 -2.54 -20.90
N GLY A 45 1.30 -1.93 -19.81
CA GLY A 45 2.16 -1.65 -18.68
C GLY A 45 3.11 -0.49 -18.85
N GLN A 46 3.01 0.26 -19.95
CA GLN A 46 3.91 1.38 -20.21
C GLN A 46 3.12 2.67 -20.33
N SER A 47 3.82 3.79 -20.25
CA SER A 47 3.18 5.06 -20.49
C SER A 47 3.00 5.30 -21.99
N PRO A 48 2.02 6.12 -22.37
CA PRO A 48 1.85 6.44 -23.79
C PRO A 48 3.08 7.14 -24.35
N GLN A 49 3.35 6.89 -25.63
CA GLN A 49 4.51 7.45 -26.30
C GLN A 49 4.07 8.21 -27.54
N LEU A 50 4.55 9.46 -27.67
CA LEU A 50 4.19 10.28 -28.82
C LEU A 50 4.81 9.73 -30.09
N LEU A 51 3.99 9.54 -31.13
CA LEU A 51 4.45 9.11 -32.44
C LEU A 51 4.39 10.23 -33.46
N ILE A 52 3.22 10.83 -33.65
CA ILE A 52 3.01 11.90 -34.62
C ILE A 52 2.36 13.07 -33.91
N TYR A 53 2.91 14.26 -34.09
CA TYR A 53 2.34 15.47 -33.52
C TYR A 53 1.89 16.44 -34.62
N LEU A 54 0.83 17.19 -34.32
CA LEU A 54 0.25 18.16 -35.25
C LEU A 54 -0.02 17.54 -36.62
N ALA A 55 -0.70 16.39 -36.59
CA ALA A 55 -1.28 15.70 -37.73
C ALA A 55 -0.28 14.99 -38.64
N SER A 56 0.88 15.57 -38.90
CA SER A 56 1.73 15.00 -39.94
C SER A 56 3.23 15.07 -39.64
N ASN A 57 3.63 15.43 -38.43
CA ASN A 57 5.03 15.60 -38.08
C ASN A 57 5.46 14.43 -37.22
N ARG A 58 6.50 13.72 -37.66
CA ARG A 58 7.01 12.55 -36.94
C ARG A 58 7.82 12.98 -35.72
N ALA A 59 7.48 12.42 -34.56
CA ALA A 59 8.18 12.79 -33.34
C ALA A 59 9.62 12.27 -33.39
N SER A 60 10.48 12.93 -32.62
CA SER A 60 11.90 12.55 -32.55
C SER A 60 12.07 11.14 -32.03
N GLY A 61 12.81 10.32 -32.78
CA GLY A 61 13.06 8.95 -32.38
C GLY A 61 12.09 7.94 -32.95
N VAL A 62 11.02 8.39 -33.59
CA VAL A 62 10.03 7.47 -34.17
C VAL A 62 10.56 6.96 -35.51
N PRO A 63 10.44 5.67 -35.81
CA PRO A 63 11.01 5.14 -37.06
C PRO A 63 10.20 5.58 -38.28
N ASP A 64 10.85 5.47 -39.44
CA ASP A 64 10.25 5.94 -40.68
C ASP A 64 9.04 5.14 -41.12
N ARG A 65 8.74 4.02 -40.46
CA ARG A 65 7.51 3.31 -40.75
C ARG A 65 6.28 4.14 -40.41
N PHE A 66 6.42 5.08 -39.48
CA PHE A 66 5.31 5.92 -39.05
C PHE A 66 5.21 7.21 -39.84
N SER A 67 3.98 7.56 -40.21
CA SER A 67 3.68 8.79 -40.91
C SER A 67 2.25 9.17 -40.57
N GLY A 68 1.97 10.47 -40.62
CA GLY A 68 0.64 10.96 -40.35
C GLY A 68 0.17 11.89 -41.45
N SER A 69 -1.14 11.95 -41.63
CA SER A 69 -1.73 12.81 -42.65
C SER A 69 -3.15 13.17 -42.25
N GLY A 70 -3.73 14.09 -43.01
CA GLY A 70 -5.09 14.53 -42.79
C GLY A 70 -5.17 16.00 -42.41
N SER A 71 -6.39 16.53 -42.50
CA SER A 71 -6.67 17.92 -42.18
C SER A 71 -8.16 18.04 -41.87
N GLY A 72 -8.51 19.05 -41.07
CA GLY A 72 -9.89 19.31 -40.73
C GLY A 72 -10.44 18.34 -39.70
N THR A 73 -11.16 17.32 -40.15
CA THR A 73 -11.78 16.35 -39.26
C THR A 73 -11.38 14.91 -39.55
N TYR A 74 -10.50 14.67 -40.53
CA TYR A 74 -10.12 13.33 -40.94
C TYR A 74 -8.61 13.23 -40.94
N PHE A 75 -8.07 12.29 -40.17
CA PHE A 75 -6.64 12.14 -40.02
C PHE A 75 -6.29 10.66 -40.07
N THR A 76 -5.10 10.35 -40.56
CA THR A 76 -4.70 8.96 -40.78
C THR A 76 -3.25 8.75 -40.38
N LEU A 77 -3.03 7.72 -39.55
CA LEU A 77 -1.70 7.22 -39.23
C LEU A 77 -1.44 5.98 -40.06
N LYS A 78 -0.25 5.89 -40.65
CA LYS A 78 0.10 4.76 -41.50
C LYS A 78 1.41 4.16 -41.07
N ILE A 79 1.47 2.83 -41.09
CA ILE A 79 2.72 2.08 -40.94
C ILE A 79 2.98 1.38 -42.26
N SER A 80 4.07 1.75 -42.93
CA SER A 80 4.36 1.18 -44.24
C SER A 80 4.55 -0.32 -44.16
N ARG A 81 5.34 -0.77 -43.19
CA ARG A 81 5.60 -2.19 -42.94
C ARG A 81 5.68 -2.38 -41.43
N VAL A 82 4.66 -3.02 -40.85
CA VAL A 82 4.63 -3.20 -39.42
C VAL A 82 5.74 -4.16 -38.99
N GLU A 83 6.26 -3.94 -37.79
CA GLU A 83 7.27 -4.78 -37.16
C GLU A 83 6.73 -5.23 -35.81
N ALA A 84 7.42 -6.20 -35.22
CA ALA A 84 6.92 -6.80 -33.98
C ALA A 84 6.74 -5.76 -32.88
N GLU A 85 7.63 -4.78 -32.80
CA GLU A 85 7.46 -3.82 -31.72
C GLU A 85 6.36 -2.79 -31.95
N ASP A 86 5.71 -2.74 -33.12
CA ASP A 86 4.64 -1.75 -33.24
C ASP A 86 3.30 -2.21 -32.68
N PHE A 87 3.17 -3.45 -32.25
CA PHE A 87 1.94 -3.94 -31.66
C PHE A 87 1.59 -3.17 -30.40
N GLY A 88 0.32 -2.87 -30.23
CA GLY A 88 -0.13 -2.12 -29.08
C GLY A 88 -1.41 -1.38 -29.45
N VAL A 89 -1.78 -0.43 -28.60
CA VAL A 89 -3.00 0.34 -28.79
C VAL A 89 -2.62 1.77 -29.09
N TYR A 90 -3.15 2.28 -30.20
CA TYR A 90 -2.89 3.62 -30.70
C TYR A 90 -4.04 4.55 -30.38
N TYR A 91 -3.70 5.75 -29.91
CA TYR A 91 -4.71 6.73 -29.54
C TYR A 91 -4.41 8.02 -30.29
N CYS A 92 -5.45 8.65 -30.79
CA CYS A 92 -5.40 10.03 -31.22
C CYS A 92 -6.04 10.92 -30.16
N VAL A 93 -5.60 12.16 -30.11
CA VAL A 93 -6.15 13.12 -29.16
C VAL A 93 -6.10 14.49 -29.82
N GLN A 94 -7.18 15.24 -29.68
CA GLN A 94 -7.24 16.60 -30.19
C GLN A 94 -6.96 17.58 -29.06
N THR A 95 -6.21 18.64 -29.39
CA THR A 95 -5.92 19.68 -28.42
C THR A 95 -6.25 21.06 -28.96
N VAL A 96 -7.11 21.15 -29.97
CA VAL A 96 -7.53 22.45 -30.49
C VAL A 96 -8.56 23.13 -29.59
N GLN A 97 -9.25 22.37 -28.74
CA GLN A 97 -10.33 22.89 -27.91
C GLN A 97 -10.44 22.04 -26.66
N VAL A 98 -10.57 22.69 -25.50
CA VAL A 98 -10.88 22.03 -24.25
C VAL A 98 -12.39 21.79 -24.14
N PRO A 99 -12.83 20.63 -23.60
CA PRO A 99 -12.00 19.57 -23.04
C PRO A 99 -11.26 18.73 -24.08
N TYR A 100 -9.99 18.43 -23.84
CA TYR A 100 -9.27 17.51 -24.71
C TYR A 100 -9.89 16.13 -24.64
N THR A 101 -10.01 15.48 -25.78
CA THR A 101 -10.66 14.19 -25.88
C THR A 101 -9.81 13.20 -26.65
N PHE A 102 -9.84 11.95 -26.22
CA PHE A 102 -9.07 10.89 -26.84
C PHE A 102 -10.02 10.06 -27.69
N GLY A 103 -9.47 9.42 -28.72
CA GLY A 103 -10.20 8.36 -29.37
C GLY A 103 -10.31 7.14 -28.49
N GLN A 104 -11.12 6.19 -28.97
CA GLN A 104 -11.36 4.99 -28.19
C GLN A 104 -10.12 4.11 -28.13
N GLY A 105 -9.18 4.32 -29.06
CA GLY A 105 -8.01 3.48 -29.14
C GLY A 105 -8.14 2.38 -30.17
N THR A 106 -7.08 2.13 -30.93
CA THR A 106 -7.07 1.07 -31.94
C THR A 106 -6.02 0.05 -31.52
N LYS A 107 -6.46 -1.17 -31.27
CA LYS A 107 -5.59 -2.27 -30.87
C LYS A 107 -5.03 -2.94 -32.12
N LEU A 108 -3.72 -2.80 -32.33
CA LEU A 108 -3.05 -3.42 -33.47
C LEU A 108 -2.64 -4.82 -33.01
N GLU A 109 -3.28 -5.83 -33.58
CA GLU A 109 -3.04 -7.23 -33.29
C GLU A 109 -2.12 -7.95 -34.29
N ILE A 110 -1.72 -9.16 -33.87
CA ILE A 110 -0.81 -10.02 -34.61
C ILE A 110 -1.70 -10.87 -35.49
N LYS A 111 -1.55 -10.78 -36.80
CA LYS A 111 -2.42 -11.58 -37.67
C LYS A 111 -1.77 -12.95 -37.89
N ARG A 112 -2.21 -13.94 -37.12
CA ARG A 112 -1.77 -15.30 -37.33
C ARG A 112 -2.86 -16.05 -38.10
N THR A 113 -2.65 -17.36 -38.29
CA THR A 113 -3.65 -18.16 -38.96
C THR A 113 -4.83 -18.44 -38.02
N VAL A 114 -5.92 -18.95 -38.59
CA VAL A 114 -7.10 -19.26 -37.80
C VAL A 114 -6.80 -20.45 -36.91
N ALA A 115 -7.25 -20.38 -35.66
CA ALA A 115 -7.05 -21.48 -34.72
C ALA A 115 -8.34 -21.72 -33.94
N ALA A 116 -8.76 -22.98 -33.91
CA ALA A 116 -9.98 -23.34 -33.21
C ALA A 116 -9.70 -23.47 -31.72
N PRO A 117 -10.66 -23.13 -30.88
CA PRO A 117 -10.43 -23.23 -29.43
C PRO A 117 -10.62 -24.65 -28.93
N SER A 118 -9.87 -24.97 -27.88
CA SER A 118 -10.12 -26.19 -27.12
C SER A 118 -11.07 -25.83 -25.99
N VAL A 119 -12.20 -26.51 -25.94
CA VAL A 119 -13.29 -26.17 -25.02
C VAL A 119 -13.29 -27.13 -23.85
N PHE A 120 -13.39 -26.58 -22.64
CA PHE A 120 -13.45 -27.31 -21.39
C PHE A 120 -14.55 -26.74 -20.52
N ILE A 121 -15.20 -27.61 -19.76
CA ILE A 121 -16.26 -27.23 -18.85
C ILE A 121 -15.85 -27.67 -17.46
N PHE A 122 -16.11 -26.82 -16.47
CA PHE A 122 -15.72 -27.10 -15.09
C PHE A 122 -16.95 -26.90 -14.22
N PRO A 123 -17.41 -27.93 -13.51
CA PRO A 123 -18.52 -27.74 -12.58
C PRO A 123 -18.04 -27.02 -11.33
N PRO A 124 -18.97 -26.49 -10.52
CA PRO A 124 -18.56 -25.84 -9.27
C PRO A 124 -17.92 -26.86 -8.34
N SER A 125 -16.98 -26.39 -7.54
CA SER A 125 -16.32 -27.33 -6.65
C SER A 125 -17.18 -27.56 -5.42
N ASP A 126 -16.92 -28.66 -4.72
CA ASP A 126 -17.70 -28.94 -3.51
C ASP A 126 -17.42 -27.92 -2.42
N GLU A 127 -16.19 -27.41 -2.35
CA GLU A 127 -15.86 -26.37 -1.38
C GLU A 127 -16.70 -25.12 -1.59
N GLN A 128 -16.83 -24.68 -2.85
CA GLN A 128 -17.58 -23.45 -3.10
C GLN A 128 -19.06 -23.62 -2.80
N LEU A 129 -19.61 -24.82 -3.00
CA LEU A 129 -21.02 -25.01 -2.70
C LEU A 129 -21.32 -24.88 -1.21
N LYS A 130 -20.32 -25.12 -0.37
CA LYS A 130 -20.41 -24.88 1.07
C LYS A 130 -20.45 -23.40 1.44
N SER A 131 -20.29 -22.49 0.48
CA SER A 131 -20.43 -21.06 0.77
C SER A 131 -21.77 -20.48 0.34
N GLY A 132 -22.58 -21.21 -0.43
CA GLY A 132 -23.83 -20.67 -0.91
C GLY A 132 -23.86 -20.28 -2.38
N THR A 133 -22.75 -20.40 -3.10
CA THR A 133 -22.68 -19.91 -4.47
C THR A 133 -22.11 -21.01 -5.35
N ALA A 134 -22.52 -21.01 -6.61
CA ALA A 134 -22.00 -21.96 -7.59
C ALA A 134 -21.44 -21.20 -8.78
N SER A 135 -20.24 -21.59 -9.21
CA SER A 135 -19.58 -20.96 -10.34
C SER A 135 -19.26 -22.04 -11.35
N VAL A 136 -19.79 -21.88 -12.56
CA VAL A 136 -19.48 -22.76 -13.68
C VAL A 136 -18.61 -21.97 -14.64
N VAL A 137 -17.50 -22.57 -15.06
CA VAL A 137 -16.55 -21.88 -15.92
C VAL A 137 -16.46 -22.61 -17.24
N CYS A 138 -16.36 -21.86 -18.33
CA CYS A 138 -16.20 -22.40 -19.66
C CYS A 138 -14.91 -21.84 -20.23
N LEU A 139 -14.03 -22.72 -20.68
CA LEU A 139 -12.70 -22.32 -21.11
C LEU A 139 -12.57 -22.49 -22.62
N LEU A 140 -12.13 -21.43 -23.29
CA LEU A 140 -11.78 -21.45 -24.71
C LEU A 140 -10.27 -21.22 -24.77
N ASN A 141 -9.52 -22.23 -25.19
CA ASN A 141 -8.07 -22.22 -25.05
C ASN A 141 -7.39 -22.07 -26.40
N ASN A 142 -6.57 -21.04 -26.54
CA ASN A 142 -5.69 -20.88 -27.69
C ASN A 142 -6.47 -20.89 -29.00
N PHE A 143 -7.10 -19.77 -29.32
CA PHE A 143 -7.86 -19.62 -30.55
C PHE A 143 -7.52 -18.30 -31.21
N TYR A 144 -7.94 -18.18 -32.46
CA TYR A 144 -7.78 -16.97 -33.26
C TYR A 144 -8.74 -17.06 -34.42
N PRO A 145 -9.43 -15.98 -34.80
CA PRO A 145 -9.38 -14.63 -34.22
C PRO A 145 -10.13 -14.48 -32.90
N ARG A 146 -10.20 -13.24 -32.42
CA ARG A 146 -10.77 -12.95 -31.10
C ARG A 146 -12.28 -13.18 -31.07
N GLU A 147 -12.96 -12.94 -32.19
CA GLU A 147 -14.42 -13.01 -32.22
C GLU A 147 -14.92 -14.41 -31.87
N ALA A 148 -15.71 -14.51 -30.80
CA ALA A 148 -16.22 -15.81 -30.40
C ALA A 148 -17.50 -15.60 -29.60
N LYS A 149 -18.44 -16.53 -29.78
CA LYS A 149 -19.73 -16.49 -29.10
C LYS A 149 -19.83 -17.64 -28.10
N VAL A 150 -20.05 -17.31 -26.84
CA VAL A 150 -20.26 -18.29 -25.77
C VAL A 150 -21.67 -18.08 -25.23
N GLN A 151 -22.43 -19.17 -25.18
CA GLN A 151 -23.82 -19.14 -24.70
C GLN A 151 -23.99 -20.21 -23.63
N TRP A 152 -24.67 -19.85 -22.55
CA TRP A 152 -24.92 -20.78 -21.45
C TRP A 152 -26.34 -21.31 -21.54
N LYS A 153 -26.50 -22.60 -21.30
CA LYS A 153 -27.81 -23.24 -21.29
C LYS A 153 -27.93 -24.18 -20.10
N VAL A 154 -28.96 -23.96 -19.27
CA VAL A 154 -29.23 -24.81 -18.11
C VAL A 154 -30.56 -25.51 -18.41
N ASP A 155 -30.48 -26.81 -18.68
CA ASP A 155 -31.64 -27.60 -19.12
C ASP A 155 -32.23 -26.97 -20.39
N ASN A 156 -31.35 -26.67 -21.33
CA ASN A 156 -31.72 -26.12 -22.64
C ASN A 156 -32.38 -24.75 -22.52
N ALA A 157 -32.05 -24.00 -21.47
CA ALA A 157 -32.57 -22.66 -21.26
C ALA A 157 -31.42 -21.66 -21.35
N LEU A 158 -31.47 -20.81 -22.38
CA LEU A 158 -30.42 -19.81 -22.59
C LEU A 158 -30.39 -18.78 -21.46
N GLN A 159 -29.21 -18.62 -20.88
CA GLN A 159 -29.00 -17.71 -19.77
C GLN A 159 -28.67 -16.31 -20.28
N SER A 160 -28.93 -15.31 -19.43
CA SER A 160 -28.66 -13.93 -19.82
C SER A 160 -28.51 -13.09 -18.57
N GLY A 161 -27.35 -12.47 -18.42
CA GLY A 161 -27.09 -11.50 -17.38
C GLY A 161 -26.36 -12.04 -16.17
N ASN A 162 -26.20 -13.37 -16.07
CA ASN A 162 -25.59 -13.96 -14.89
C ASN A 162 -24.27 -14.64 -15.24
N SER A 163 -23.62 -14.17 -16.30
CA SER A 163 -22.35 -14.71 -16.75
C SER A 163 -21.43 -13.54 -17.06
N GLN A 164 -20.14 -13.78 -16.96
CA GLN A 164 -19.16 -12.77 -17.28
C GLN A 164 -18.01 -13.42 -18.03
N GLU A 165 -17.47 -12.72 -19.02
CA GLU A 165 -16.42 -13.28 -19.85
C GLU A 165 -15.15 -12.49 -19.60
N SER A 166 -14.02 -13.14 -19.81
CA SER A 166 -12.73 -12.49 -19.66
C SER A 166 -11.76 -13.14 -20.65
N VAL A 167 -11.05 -12.32 -21.40
CA VAL A 167 -10.16 -12.79 -22.45
C VAL A 167 -8.75 -12.28 -22.14
N THR A 168 -7.77 -13.16 -22.32
CA THR A 168 -6.38 -12.79 -22.15
C THR A 168 -5.89 -12.00 -23.36
N GLU A 169 -4.76 -11.33 -23.17
CA GLU A 169 -4.09 -10.67 -24.28
C GLU A 169 -3.48 -11.74 -25.18
N GLN A 170 -3.12 -11.33 -26.39
CA GLN A 170 -2.52 -12.27 -27.34
C GLN A 170 -1.25 -12.85 -26.74
N ASP A 171 -1.11 -14.17 -26.83
CA ASP A 171 0.04 -14.83 -26.23
C ASP A 171 1.30 -14.44 -27.00
N SER A 172 2.37 -14.17 -26.24
CA SER A 172 3.61 -13.68 -26.82
C SER A 172 4.32 -14.74 -27.65
N LYS A 173 3.94 -16.00 -27.50
CA LYS A 173 4.59 -17.09 -28.21
C LYS A 173 3.81 -17.45 -29.48
N ASP A 174 2.55 -17.82 -29.36
CA ASP A 174 1.76 -18.28 -30.49
C ASP A 174 0.69 -17.29 -30.94
N SER A 175 0.58 -16.12 -30.30
CA SER A 175 -0.26 -15.02 -30.78
C SER A 175 -1.75 -15.38 -30.77
N THR A 176 -2.14 -16.30 -29.90
CA THR A 176 -3.51 -16.75 -29.75
C THR A 176 -4.16 -16.10 -28.55
N TYR A 177 -5.49 -16.18 -28.49
CA TYR A 177 -6.23 -15.71 -27.34
C TYR A 177 -6.77 -16.90 -26.55
N SER A 178 -7.05 -16.64 -25.27
CA SER A 178 -7.79 -17.58 -24.44
C SER A 178 -8.90 -16.82 -23.72
N LEU A 179 -10.03 -17.49 -23.52
CA LEU A 179 -11.21 -16.85 -22.97
C LEU A 179 -11.84 -17.74 -21.92
N SER A 180 -12.29 -17.11 -20.84
CA SER A 180 -13.04 -17.77 -19.78
C SER A 180 -14.38 -17.10 -19.63
N SER A 181 -15.41 -17.89 -19.34
CA SER A 181 -16.74 -17.39 -19.08
C SER A 181 -17.21 -18.05 -17.81
N THR A 182 -17.65 -17.25 -16.84
CA THR A 182 -18.00 -17.75 -15.52
C THR A 182 -19.49 -17.53 -15.30
N LEU A 183 -20.24 -18.61 -15.11
CA LEU A 183 -21.64 -18.54 -14.75
C LEU A 183 -21.75 -18.62 -13.24
N THR A 184 -22.37 -17.62 -12.62
CA THR A 184 -22.49 -17.55 -11.17
C THR A 184 -23.95 -17.73 -10.77
N LEU A 185 -24.22 -18.75 -9.96
CA LEU A 185 -25.55 -18.99 -9.44
C LEU A 185 -25.50 -19.27 -7.94
N SER A 186 -26.63 -19.05 -7.27
CA SER A 186 -26.72 -19.43 -5.87
C SER A 186 -26.68 -20.95 -5.73
N LYS A 187 -26.33 -21.42 -4.53
CA LYS A 187 -26.31 -22.85 -4.29
C LYS A 187 -27.68 -23.47 -4.48
N ALA A 188 -28.73 -22.76 -4.06
CA ALA A 188 -30.09 -23.29 -4.22
C ALA A 188 -30.51 -23.32 -5.68
N ASP A 189 -30.20 -22.26 -6.43
CA ASP A 189 -30.58 -22.21 -7.84
C ASP A 189 -29.80 -23.23 -8.65
N TYR A 190 -28.57 -23.54 -8.23
CA TYR A 190 -27.77 -24.52 -8.95
C TYR A 190 -28.35 -25.92 -8.79
N GLU A 191 -28.71 -26.31 -7.57
CA GLU A 191 -29.24 -27.63 -7.31
C GLU A 191 -30.64 -27.84 -7.86
N LYS A 192 -31.31 -26.79 -8.34
CA LYS A 192 -32.64 -26.94 -8.92
C LYS A 192 -32.61 -27.41 -10.37
N HIS A 193 -31.45 -27.38 -11.03
CA HIS A 193 -31.32 -27.80 -12.41
C HIS A 193 -30.25 -28.90 -12.47
N LYS A 194 -30.20 -29.60 -13.59
CA LYS A 194 -29.29 -30.75 -13.69
C LYS A 194 -28.24 -30.63 -14.79
N VAL A 195 -28.62 -30.15 -15.97
CA VAL A 195 -27.74 -30.13 -17.13
C VAL A 195 -27.22 -28.70 -17.34
N TYR A 196 -25.90 -28.56 -17.44
CA TYR A 196 -25.26 -27.27 -17.65
C TYR A 196 -24.34 -27.39 -18.84
N ALA A 197 -24.51 -26.50 -19.80
CA ALA A 197 -23.75 -26.54 -21.04
C ALA A 197 -23.38 -25.13 -21.45
N CYS A 198 -22.19 -24.99 -22.03
CA CYS A 198 -21.78 -23.76 -22.68
C CYS A 198 -21.53 -24.09 -24.14
N GLU A 199 -22.08 -23.29 -25.03
CA GLU A 199 -22.03 -23.54 -26.46
C GLU A 199 -21.13 -22.48 -27.09
N VAL A 200 -20.13 -22.93 -27.84
CA VAL A 200 -19.10 -22.06 -28.39
C VAL A 200 -19.27 -21.99 -29.90
N THR A 201 -19.27 -20.78 -30.43
CA THR A 201 -19.30 -20.56 -31.88
C THR A 201 -18.07 -19.75 -32.25
N HIS A 202 -17.25 -20.30 -33.15
CA HIS A 202 -16.03 -19.62 -33.52
C HIS A 202 -15.69 -19.96 -34.97
N GLN A 203 -14.95 -19.05 -35.61
CA GLN A 203 -14.60 -19.24 -37.02
C GLN A 203 -13.81 -20.53 -37.24
N GLY A 204 -12.92 -20.88 -36.32
CA GLY A 204 -12.12 -22.09 -36.51
C GLY A 204 -12.91 -23.37 -36.37
N LEU A 205 -14.18 -23.29 -35.98
CA LEU A 205 -15.05 -24.45 -35.83
C LEU A 205 -16.06 -24.47 -36.98
N SER A 206 -16.14 -25.60 -37.67
CA SER A 206 -17.13 -25.76 -38.73
C SER A 206 -18.56 -25.68 -38.19
N SER A 207 -18.82 -26.31 -37.05
CA SER A 207 -20.10 -26.27 -36.37
C SER A 207 -19.86 -26.01 -34.89
N PRO A 208 -20.79 -25.33 -34.21
CA PRO A 208 -20.58 -25.05 -32.79
C PRO A 208 -20.35 -26.32 -31.98
N VAL A 209 -19.54 -26.17 -30.92
CA VAL A 209 -19.15 -27.26 -30.04
C VAL A 209 -19.80 -27.03 -28.68
N THR A 210 -20.36 -28.09 -28.11
CA THR A 210 -21.00 -28.00 -26.81
C THR A 210 -20.36 -28.99 -25.85
N LYS A 211 -19.89 -28.49 -24.71
CA LYS A 211 -19.38 -29.31 -23.63
C LYS A 211 -20.26 -29.10 -22.42
N SER A 212 -20.70 -30.19 -21.80
CA SER A 212 -21.72 -30.12 -20.77
C SER A 212 -21.39 -31.11 -19.66
N PHE A 213 -22.21 -31.10 -18.61
CA PHE A 213 -22.09 -32.02 -17.50
C PHE A 213 -23.44 -32.12 -16.79
N ASN A 214 -23.55 -33.12 -15.92
CA ASN A 214 -24.72 -33.33 -15.10
C ASN A 214 -24.30 -33.38 -13.63
N ARG A 215 -25.09 -32.76 -12.76
CA ARG A 215 -24.77 -32.68 -11.34
C ARG A 215 -24.66 -34.05 -10.70
N GLY A 216 -23.50 -34.35 -10.11
CA GLY A 216 -23.26 -35.65 -9.53
C GLY A 216 -22.98 -36.75 -10.54
N GLU A 217 -22.39 -36.41 -11.69
CA GLU A 217 -22.15 -37.35 -12.78
C GLU A 217 -23.45 -38.01 -13.25
N GLU B 1 18.36 14.29 -18.26
CA GLU B 1 17.22 13.41 -18.06
C GLU B 1 16.03 14.13 -17.42
N VAL B 2 14.93 14.21 -18.17
CA VAL B 2 13.66 14.69 -17.65
C VAL B 2 12.98 13.54 -16.93
N GLN B 3 12.37 13.82 -15.78
CA GLN B 3 11.56 12.82 -15.10
C GLN B 3 10.36 13.46 -14.42
N LEU B 4 9.19 12.85 -14.62
CA LEU B 4 7.95 13.22 -13.95
C LEU B 4 7.55 12.06 -13.05
N LEU B 5 7.60 12.29 -11.73
CA LEU B 5 7.42 11.25 -10.73
C LEU B 5 6.12 11.51 -9.97
N GLU B 6 5.15 10.61 -10.13
CA GLU B 6 3.84 10.78 -9.50
C GLU B 6 3.80 10.02 -8.17
N SER B 7 2.98 10.55 -7.26
CA SER B 7 2.75 9.91 -5.97
C SER B 7 1.41 10.40 -5.43
N GLY B 8 1.02 9.81 -4.30
CA GLY B 8 -0.20 10.20 -3.60
C GLY B 8 -1.39 9.31 -3.87
N GLY B 9 -1.25 8.34 -4.75
CA GLY B 9 -2.31 7.39 -5.03
C GLY B 9 -2.43 6.34 -3.95
N GLY B 10 -3.39 5.45 -4.15
CA GLY B 10 -3.66 4.36 -3.25
C GLY B 10 -5.14 4.14 -3.11
N LEU B 11 -5.53 3.45 -2.04
CA LEU B 11 -6.93 3.06 -1.84
C LEU B 11 -7.67 4.07 -0.97
N GLU B 12 -8.90 4.41 -1.37
CA GLU B 12 -9.77 5.27 -0.59
C GLU B 12 -11.23 4.91 -0.84
N GLN B 13 -12.07 5.10 0.19
CA GLN B 13 -13.49 4.82 0.06
C GLN B 13 -14.19 5.89 -0.78
N PRO B 14 -15.32 5.57 -1.40
CA PRO B 14 -16.14 6.60 -2.04
C PRO B 14 -16.47 7.73 -1.08
N GLY B 15 -16.39 8.96 -1.60
CA GLY B 15 -16.57 10.14 -0.81
C GLY B 15 -15.33 10.63 -0.10
N GLY B 16 -14.26 9.83 -0.08
CA GLY B 16 -13.03 10.24 0.55
C GLY B 16 -12.23 11.14 -0.36
N SER B 17 -10.99 11.42 0.07
CA SER B 17 -10.16 12.35 -0.67
C SER B 17 -8.73 11.83 -0.81
N LEU B 18 -8.11 12.18 -1.93
CA LEU B 18 -6.70 11.92 -2.17
C LEU B 18 -6.12 13.17 -2.84
N ARG B 19 -4.81 13.34 -2.70
CA ARG B 19 -4.14 14.48 -3.32
C ARG B 19 -2.92 13.93 -4.04
N LEU B 20 -2.93 14.00 -5.37
CA LEU B 20 -1.82 13.52 -6.18
C LEU B 20 -0.81 14.62 -6.42
N SER B 21 0.45 14.21 -6.52
CA SER B 21 1.57 15.13 -6.66
C SER B 21 2.48 14.63 -7.76
N CYS B 22 2.99 15.56 -8.57
CA CYS B 22 3.88 15.24 -9.68
C CYS B 22 5.05 16.21 -9.65
N VAL B 23 6.20 15.73 -9.17
CA VAL B 23 7.41 16.53 -9.05
C VAL B 23 8.22 16.37 -10.33
N VAL B 24 8.52 17.49 -10.98
CA VAL B 24 9.20 17.51 -12.28
C VAL B 24 10.65 17.90 -12.06
N SER B 25 11.58 17.09 -12.57
CA SER B 25 13.00 17.37 -12.45
C SER B 25 13.65 17.42 -13.82
N GLY B 26 14.74 18.19 -13.89
CA GLY B 26 15.50 18.35 -15.12
C GLY B 26 14.73 19.04 -16.21
N PHE B 27 13.76 19.89 -15.83
CA PHE B 27 12.84 20.49 -16.78
C PHE B 27 12.34 21.81 -16.20
N THR B 28 12.29 22.84 -17.05
CA THR B 28 11.89 24.19 -16.64
C THR B 28 10.38 24.22 -16.39
N PHE B 29 9.99 23.71 -15.21
CA PHE B 29 8.59 23.47 -14.88
C PHE B 29 7.73 24.73 -15.09
N SER B 30 8.23 25.88 -14.62
CA SER B 30 7.41 27.08 -14.58
C SER B 30 6.97 27.57 -15.96
N ASN B 31 7.67 27.17 -17.02
CA ASN B 31 7.42 27.73 -18.35
C ASN B 31 6.36 27.00 -19.15
N TYR B 32 5.76 25.94 -18.63
CA TYR B 32 4.91 25.08 -19.43
C TYR B 32 3.60 24.75 -18.73
N ALA B 33 2.58 24.44 -19.53
CA ALA B 33 1.33 23.90 -19.04
C ALA B 33 1.47 22.41 -18.75
N PHE B 34 0.69 21.95 -17.77
CA PHE B 34 0.69 20.55 -17.37
C PHE B 34 -0.74 20.01 -17.32
N ASN B 35 -0.86 18.72 -17.56
CA ASN B 35 -2.14 18.05 -17.66
C ASN B 35 -2.17 16.87 -16.70
N TRP B 36 -3.38 16.45 -16.34
CA TRP B 36 -3.62 15.16 -15.71
C TRP B 36 -4.44 14.30 -16.66
N VAL B 37 -4.00 13.06 -16.86
CA VAL B 37 -4.70 12.11 -17.71
C VAL B 37 -4.84 10.80 -16.95
N ARG B 38 -6.03 10.22 -16.97
CA ARG B 38 -6.29 9.01 -16.22
C ARG B 38 -6.76 7.91 -17.17
N GLN B 39 -6.63 6.67 -16.70
CA GLN B 39 -6.97 5.52 -17.53
C GLN B 39 -7.55 4.44 -16.61
N ALA B 40 -8.84 4.20 -16.72
CA ALA B 40 -9.46 3.14 -15.95
C ALA B 40 -8.91 1.80 -16.42
N PRO B 41 -8.86 0.80 -15.52
CA PRO B 41 -8.26 -0.49 -15.88
C PRO B 41 -8.89 -1.09 -17.13
N GLY B 42 -8.05 -1.38 -18.13
CA GLY B 42 -8.51 -1.91 -19.39
C GLY B 42 -9.17 -0.92 -20.31
N LYS B 43 -9.66 0.20 -19.78
CA LYS B 43 -10.29 1.24 -20.59
C LYS B 43 -9.22 2.11 -21.25
N GLY B 44 -9.65 3.21 -21.84
CA GLY B 44 -8.79 4.08 -22.61
C GLY B 44 -8.35 5.30 -21.81
N LEU B 45 -7.67 6.22 -22.52
CA LEU B 45 -7.18 7.43 -21.90
C LEU B 45 -8.28 8.48 -21.86
N GLU B 46 -8.33 9.24 -20.78
CA GLU B 46 -9.30 10.31 -20.59
C GLU B 46 -8.59 11.53 -20.03
N TRP B 47 -8.71 12.65 -20.72
CA TRP B 47 -8.13 13.89 -20.24
C TRP B 47 -8.92 14.42 -19.05
N VAL B 48 -8.21 14.88 -18.02
CA VAL B 48 -8.81 15.27 -16.76
C VAL B 48 -8.77 16.79 -16.56
N ALA B 49 -7.58 17.40 -16.69
CA ALA B 49 -7.46 18.81 -16.39
C ALA B 49 -6.17 19.36 -16.99
N ILE B 50 -6.13 20.69 -17.12
CA ILE B 50 -4.95 21.41 -17.59
C ILE B 50 -4.79 22.68 -16.76
N ILE B 51 -3.53 23.04 -16.48
CA ILE B 51 -3.18 24.31 -15.86
C ILE B 51 -2.06 24.96 -16.67
N TYR B 52 -2.27 26.21 -17.10
CA TYR B 52 -1.24 26.82 -17.94
C TYR B 52 -0.07 27.33 -17.10
N ARG B 53 1.02 27.67 -17.79
CA ARG B 53 2.23 28.10 -17.09
C ARG B 53 1.97 29.37 -16.30
N SER B 54 1.02 30.18 -16.75
CA SER B 54 0.59 31.36 -16.02
C SER B 54 0.06 31.00 -14.64
N GLY B 55 -0.71 29.91 -14.55
CA GLY B 55 -1.38 29.55 -13.34
C GLY B 55 -2.77 30.14 -13.20
N SER B 56 -3.05 31.26 -13.87
CA SER B 56 -4.40 31.82 -13.83
C SER B 56 -5.37 31.09 -14.75
N ARG B 57 -4.87 30.50 -15.84
CA ARG B 57 -5.71 29.74 -16.76
C ARG B 57 -5.66 28.26 -16.41
N MET B 58 -6.81 27.66 -16.12
CA MET B 58 -6.86 26.23 -15.86
C MET B 58 -8.24 25.71 -16.23
N TYR B 59 -8.28 24.45 -16.66
CA TYR B 59 -9.53 23.82 -17.07
C TYR B 59 -9.62 22.40 -16.51
N HIS B 60 -10.85 21.93 -16.30
CA HIS B 60 -11.12 20.60 -15.78
C HIS B 60 -12.10 19.93 -16.72
N ALA B 61 -12.08 18.60 -16.76
CA ALA B 61 -13.07 17.89 -17.55
C ALA B 61 -14.43 17.85 -16.86
N ASP B 62 -15.48 17.72 -17.67
CA ASP B 62 -16.85 17.70 -17.14
C ASP B 62 -17.04 16.60 -16.10
N SER B 63 -16.49 15.41 -16.37
CA SER B 63 -16.73 14.25 -15.49
C SER B 63 -16.20 14.48 -14.08
N VAL B 64 -15.19 15.32 -13.92
CA VAL B 64 -14.53 15.54 -12.65
C VAL B 64 -14.71 16.96 -12.14
N LYS B 65 -15.39 17.82 -12.88
CA LYS B 65 -15.50 19.22 -12.51
C LYS B 65 -16.28 19.37 -11.20
N GLY B 66 -15.77 20.24 -10.33
CA GLY B 66 -16.34 20.46 -9.02
C GLY B 66 -15.87 19.49 -7.95
N ARG B 67 -15.27 18.37 -8.34
CA ARG B 67 -14.72 17.42 -7.38
C ARG B 67 -13.20 17.39 -7.37
N PHE B 68 -12.57 17.52 -8.54
CA PHE B 68 -11.12 17.54 -8.64
C PHE B 68 -10.65 18.96 -8.86
N THR B 69 -9.46 19.26 -8.34
CA THR B 69 -8.88 20.59 -8.52
C THR B 69 -7.41 20.45 -8.87
N ILE B 70 -7.04 20.96 -10.04
CA ILE B 70 -5.65 20.98 -10.48
C ILE B 70 -5.01 22.25 -9.96
N SER B 71 -3.75 22.15 -9.55
CA SER B 71 -3.01 23.29 -9.03
C SER B 71 -1.52 23.05 -9.22
N ARG B 72 -0.74 24.10 -8.99
CA ARG B 72 0.71 24.00 -9.16
C ARG B 72 1.41 24.88 -8.13
N ASP B 73 2.57 24.43 -7.70
CA ASP B 73 3.44 25.20 -6.81
C ASP B 73 4.75 25.35 -7.58
N ASP B 74 4.89 26.48 -8.29
CA ASP B 74 6.05 26.72 -9.13
C ASP B 74 7.34 26.79 -8.32
N SER B 75 7.26 27.21 -7.05
CA SER B 75 8.43 27.28 -6.21
C SER B 75 9.03 25.91 -5.94
N LYS B 76 8.24 24.84 -6.04
CA LYS B 76 8.74 23.49 -5.81
C LYS B 76 8.67 22.64 -7.07
N ASN B 77 8.32 23.24 -8.22
CA ASN B 77 8.30 22.54 -9.50
C ASN B 77 7.40 21.29 -9.44
N THR B 78 6.26 21.43 -8.79
CA THR B 78 5.35 20.31 -8.52
C THR B 78 3.94 20.62 -8.98
N LEU B 79 3.30 19.64 -9.63
CA LEU B 79 1.91 19.70 -10.04
C LEU B 79 1.07 18.85 -9.09
N PHE B 80 -0.16 19.32 -8.83
CA PHE B 80 -1.05 18.67 -7.89
C PHE B 80 -2.41 18.42 -8.52
N LEU B 81 -3.09 17.39 -8.00
CA LEU B 81 -4.49 17.12 -8.32
C LEU B 81 -5.18 16.76 -7.01
N GLN B 82 -6.03 17.65 -6.52
CA GLN B 82 -6.80 17.41 -5.31
C GLN B 82 -8.09 16.71 -5.67
N MET B 83 -8.28 15.49 -5.16
CA MET B 83 -9.42 14.66 -5.52
C MET B 83 -10.34 14.54 -4.32
N ASN B 84 -11.47 15.23 -4.37
CA ASN B 84 -12.47 15.18 -3.31
C ASN B 84 -13.70 14.43 -3.80
N ASN B 85 -14.51 13.95 -2.86
CA ASN B 85 -15.79 13.30 -3.17
C ASN B 85 -15.59 12.18 -4.18
N LEU B 86 -14.62 11.31 -3.90
CA LEU B 86 -14.20 10.29 -4.84
C LEU B 86 -15.35 9.33 -5.14
N ARG B 87 -15.39 8.86 -6.38
CA ARG B 87 -16.40 7.89 -6.81
C ARG B 87 -15.71 6.65 -7.35
N ALA B 88 -16.47 5.55 -7.38
CA ALA B 88 -15.91 4.28 -7.83
C ALA B 88 -15.30 4.38 -9.22
N GLU B 89 -15.96 5.12 -10.12
CA GLU B 89 -15.49 5.29 -11.49
C GLU B 89 -14.26 6.18 -11.61
N ASP B 90 -13.77 6.74 -10.50
CA ASP B 90 -12.50 7.44 -10.53
C ASP B 90 -11.31 6.50 -10.44
N THR B 91 -11.53 5.21 -10.23
CA THR B 91 -10.44 4.24 -10.18
C THR B 91 -9.74 4.20 -11.53
N ALA B 92 -8.44 4.49 -11.53
CA ALA B 92 -7.66 4.63 -12.75
C ALA B 92 -6.20 4.88 -12.39
N VAL B 93 -5.33 4.67 -13.37
CA VAL B 93 -3.96 5.14 -13.28
C VAL B 93 -3.94 6.59 -13.73
N TYR B 94 -3.35 7.46 -12.93
CA TYR B 94 -3.33 8.88 -13.23
C TYR B 94 -1.93 9.28 -13.68
N TYR B 95 -1.85 9.92 -14.83
CA TYR B 95 -0.58 10.37 -15.40
C TYR B 95 -0.54 11.89 -15.39
N CYS B 96 0.58 12.46 -14.94
CA CYS B 96 0.88 13.84 -15.24
C CYS B 96 1.67 13.91 -16.53
N THR B 97 1.33 14.89 -17.37
CA THR B 97 2.00 14.98 -18.66
C THR B 97 1.89 16.40 -19.19
N THR B 98 2.93 16.83 -19.90
CA THR B 98 2.90 18.10 -20.59
C THR B 98 2.08 18.04 -21.86
N LEU B 99 1.81 16.84 -22.35
CA LEU B 99 1.37 16.62 -23.72
C LEU B 99 2.37 17.27 -24.66
N LEU B 100 1.93 17.64 -25.85
CA LEU B 100 2.85 18.10 -26.87
C LEU B 100 3.44 19.45 -26.51
N ILE B 101 4.78 19.52 -26.54
CA ILE B 101 5.55 20.76 -26.46
C ILE B 101 6.22 20.99 -27.81
N TYR B 102 5.79 22.05 -28.50
CA TYR B 102 6.25 22.37 -29.85
C TYR B 102 6.91 23.75 -29.82
N GLU B 103 8.24 23.79 -29.85
CA GLU B 103 8.94 25.07 -29.83
C GLU B 103 10.30 24.88 -30.49
N SER B 104 10.80 25.96 -31.08
CA SER B 104 11.98 25.93 -31.94
C SER B 104 11.81 24.89 -33.04
N ASP B 105 10.57 24.73 -33.50
CA ASP B 105 10.20 23.89 -34.64
C ASP B 105 10.55 22.42 -34.42
N VAL B 106 10.59 21.97 -33.16
CA VAL B 106 10.81 20.56 -32.82
C VAL B 106 9.73 20.15 -31.82
N GLY B 107 9.27 18.91 -31.94
CA GLY B 107 8.23 18.38 -31.07
C GLY B 107 8.70 17.36 -30.05
N VAL B 108 8.44 17.63 -28.77
CA VAL B 108 8.79 16.75 -27.67
C VAL B 108 7.57 16.58 -26.76
N ASP B 109 7.63 15.53 -25.93
CA ASP B 109 6.50 15.17 -25.07
C ASP B 109 7.00 14.29 -23.94
N PHE B 110 6.60 14.64 -22.72
CA PHE B 110 7.06 13.93 -21.53
C PHE B 110 5.87 13.45 -20.70
N TRP B 111 5.96 12.23 -20.19
CA TRP B 111 4.90 11.62 -19.39
C TRP B 111 5.49 11.01 -18.14
N GLY B 112 4.72 11.02 -17.05
CA GLY B 112 5.09 10.29 -15.87
C GLY B 112 4.74 8.82 -16.01
N GLN B 113 5.15 8.05 -15.01
CA GLN B 113 4.88 6.61 -15.00
C GLN B 113 3.46 6.26 -14.57
N GLY B 114 2.75 7.20 -13.98
CA GLY B 114 1.38 6.94 -13.52
C GLY B 114 1.35 6.43 -12.10
N THR B 115 0.26 6.75 -11.41
CA THR B 115 0.03 6.27 -10.06
C THR B 115 -1.44 5.83 -9.94
N LEU B 116 -1.65 4.66 -9.35
CA LEU B 116 -2.97 4.05 -9.32
C LEU B 116 -3.80 4.52 -8.13
N VAL B 117 -5.03 4.95 -8.42
CA VAL B 117 -6.01 5.34 -7.41
C VAL B 117 -7.15 4.33 -7.46
N THR B 118 -7.45 3.69 -6.33
CA THR B 118 -8.55 2.72 -6.28
C THR B 118 -9.59 3.25 -5.31
N VAL B 119 -10.80 3.44 -5.81
CA VAL B 119 -11.92 3.96 -5.04
C VAL B 119 -12.98 2.88 -4.81
N SER B 120 -13.11 2.39 -3.58
CA SER B 120 -14.06 1.31 -3.33
C SER B 120 -14.42 1.33 -1.86
N SER B 121 -15.63 0.86 -1.55
CA SER B 121 -16.09 0.74 -0.18
C SER B 121 -15.78 -0.60 0.47
N ALA B 122 -15.34 -1.58 -0.31
CA ALA B 122 -15.12 -2.89 0.25
C ALA B 122 -13.88 -2.92 1.15
N SER B 123 -13.90 -3.86 2.07
CA SER B 123 -12.87 -4.10 3.06
C SER B 123 -11.83 -4.98 2.38
N THR B 124 -10.59 -4.94 2.88
CA THR B 124 -9.61 -5.83 2.29
C THR B 124 -10.00 -7.26 2.62
N LYS B 125 -9.85 -8.13 1.63
CA LYS B 125 -10.19 -9.53 1.74
C LYS B 125 -9.29 -10.39 0.89
N GLY B 126 -8.74 -11.45 1.49
CA GLY B 126 -7.89 -12.36 0.76
C GLY B 126 -8.84 -13.23 -0.03
N PRO B 127 -8.37 -13.86 -1.10
CA PRO B 127 -9.27 -14.61 -1.96
C PRO B 127 -9.48 -16.03 -1.50
N SER B 128 -10.63 -16.58 -1.89
CA SER B 128 -10.87 -18.00 -1.76
C SER B 128 -10.51 -18.67 -3.07
N VAL B 129 -9.87 -19.83 -2.96
CA VAL B 129 -9.37 -20.56 -4.11
C VAL B 129 -10.11 -21.88 -4.20
N PHE B 130 -10.77 -22.11 -5.32
CA PHE B 130 -11.53 -23.31 -5.55
C PHE B 130 -10.99 -24.01 -6.80
N PRO B 131 -10.82 -25.33 -6.75
CA PRO B 131 -10.24 -26.01 -7.90
C PRO B 131 -11.25 -26.09 -9.03
N LEU B 132 -10.74 -26.03 -10.24
CA LEU B 132 -11.51 -26.24 -11.45
C LEU B 132 -11.00 -27.54 -12.03
N ALA B 133 -11.71 -28.60 -11.80
CA ALA B 133 -11.08 -29.81 -12.27
C ALA B 133 -11.72 -30.32 -13.54
N PRO B 134 -10.92 -30.91 -14.43
CA PRO B 134 -11.48 -31.48 -15.67
C PRO B 134 -12.34 -32.68 -15.35
N SER B 135 -13.17 -33.06 -16.32
CA SER B 135 -13.74 -34.39 -16.29
C SER B 135 -12.65 -35.37 -16.70
N SER B 136 -12.68 -36.57 -16.09
CA SER B 136 -11.71 -37.59 -16.44
C SER B 136 -11.81 -38.03 -17.88
N LYS B 137 -12.94 -37.75 -18.54
CA LYS B 137 -13.06 -38.01 -19.97
C LYS B 137 -12.40 -36.92 -20.80
N SER B 138 -12.40 -35.68 -20.30
CA SER B 138 -11.74 -34.58 -20.99
C SER B 138 -10.23 -34.67 -20.99
N THR B 139 -9.66 -35.64 -20.27
CA THR B 139 -8.21 -35.80 -20.19
C THR B 139 -7.68 -36.89 -21.13
N SER B 140 -8.56 -37.66 -21.76
CA SER B 140 -8.11 -38.75 -22.62
C SER B 140 -7.49 -38.23 -23.91
N GLY B 141 -7.96 -37.10 -24.42
CA GLY B 141 -7.46 -36.58 -25.68
C GLY B 141 -6.07 -35.98 -25.61
N GLY B 142 -5.12 -36.74 -25.06
CA GLY B 142 -3.75 -36.27 -24.95
C GLY B 142 -3.56 -35.27 -23.83
N THR B 143 -3.82 -34.00 -24.12
CA THR B 143 -3.67 -32.95 -23.13
C THR B 143 -4.96 -32.77 -22.33
N ALA B 144 -4.78 -32.35 -21.09
CA ALA B 144 -5.85 -32.14 -20.13
C ALA B 144 -5.62 -30.80 -19.46
N ALA B 145 -6.69 -30.11 -19.07
CA ALA B 145 -6.43 -28.85 -18.41
C ALA B 145 -7.14 -28.83 -17.08
N LEU B 146 -6.66 -27.91 -16.26
CA LEU B 146 -7.12 -27.67 -14.91
C LEU B 146 -6.73 -26.27 -14.48
N GLY B 147 -7.36 -25.78 -13.45
CA GLY B 147 -7.03 -24.45 -13.02
C GLY B 147 -7.57 -24.11 -11.65
N CYS B 148 -7.59 -22.82 -11.35
CA CYS B 148 -8.06 -22.32 -10.07
C CYS B 148 -8.97 -21.13 -10.24
N LEU B 149 -10.03 -21.10 -9.44
CA LEU B 149 -10.96 -19.99 -9.45
C LEU B 149 -10.62 -19.12 -8.25
N VAL B 150 -10.21 -17.88 -8.51
CA VAL B 150 -9.80 -16.95 -7.47
C VAL B 150 -10.93 -15.95 -7.31
N LYS B 151 -11.66 -16.09 -6.22
CA LYS B 151 -12.96 -15.45 -6.02
C LYS B 151 -12.92 -14.57 -4.77
N ASP B 152 -13.55 -13.40 -4.86
CA ASP B 152 -13.88 -12.58 -3.69
C ASP B 152 -12.61 -12.10 -2.97
N TYR B 153 -11.90 -11.20 -3.63
CA TYR B 153 -10.74 -10.59 -3.02
C TYR B 153 -10.75 -9.09 -3.29
N PHE B 154 -10.01 -8.36 -2.45
CA PHE B 154 -9.87 -6.93 -2.63
C PHE B 154 -8.68 -6.44 -1.83
N PRO B 155 -7.86 -5.52 -2.37
CA PRO B 155 -7.97 -5.00 -3.73
C PRO B 155 -7.12 -5.79 -4.71
N GLU B 156 -7.00 -5.31 -5.95
CA GLU B 156 -6.00 -5.86 -6.83
C GLU B 156 -4.62 -5.58 -6.23
N PRO B 157 -3.62 -6.40 -6.54
CA PRO B 157 -3.71 -7.59 -7.38
C PRO B 157 -3.55 -8.88 -6.61
N VAL B 158 -3.82 -9.99 -7.29
CA VAL B 158 -3.41 -11.30 -6.85
C VAL B 158 -2.43 -11.79 -7.89
N THR B 159 -1.52 -12.65 -7.48
CA THR B 159 -0.58 -13.27 -8.38
C THR B 159 -0.74 -14.76 -8.28
N VAL B 160 -0.74 -15.43 -9.43
CA VAL B 160 -0.98 -16.86 -9.47
C VAL B 160 0.16 -17.51 -10.22
N SER B 161 0.86 -18.42 -9.55
CA SER B 161 1.85 -19.28 -10.15
C SER B 161 1.34 -20.72 -10.10
N TRP B 162 2.08 -21.60 -10.76
CA TRP B 162 1.74 -23.01 -10.82
C TRP B 162 2.99 -23.77 -10.42
N ASN B 163 2.83 -24.61 -9.40
CA ASN B 163 3.94 -25.35 -8.80
C ASN B 163 5.03 -24.36 -8.38
N SER B 164 4.61 -23.37 -7.60
CA SER B 164 5.50 -22.37 -7.03
C SER B 164 6.29 -21.60 -8.10
N GLY B 165 5.68 -21.40 -9.26
CA GLY B 165 6.31 -20.66 -10.35
C GLY B 165 7.20 -21.45 -11.27
N ALA B 166 7.23 -22.77 -11.15
CA ALA B 166 8.09 -23.57 -12.03
C ALA B 166 7.40 -23.78 -13.38
N LEU B 167 6.12 -24.07 -13.35
CA LEU B 167 5.35 -24.36 -14.55
C LEU B 167 4.86 -23.03 -15.13
N THR B 168 5.25 -22.77 -16.38
CA THR B 168 4.88 -21.55 -17.09
C THR B 168 4.34 -21.82 -18.49
N SER B 169 4.52 -23.02 -19.04
CA SER B 169 4.06 -23.27 -20.39
C SER B 169 2.59 -23.61 -20.35
N GLY B 170 1.82 -22.93 -21.19
CA GLY B 170 0.41 -23.16 -21.32
C GLY B 170 -0.44 -22.58 -20.22
N VAL B 171 0.10 -21.68 -19.41
CA VAL B 171 -0.66 -21.09 -18.30
C VAL B 171 -1.27 -19.79 -18.81
N HIS B 172 -2.57 -19.64 -18.59
CA HIS B 172 -3.28 -18.41 -18.90
C HIS B 172 -3.97 -17.93 -17.63
N THR B 173 -3.51 -16.81 -17.09
CA THR B 173 -4.18 -16.19 -15.95
C THR B 173 -5.02 -15.03 -16.47
N PHE B 174 -6.32 -15.10 -16.22
CA PHE B 174 -7.25 -14.20 -16.88
C PHE B 174 -7.34 -12.89 -16.11
N PRO B 175 -7.65 -11.79 -16.82
CA PRO B 175 -7.90 -10.54 -16.12
C PRO B 175 -9.05 -10.64 -15.14
N ALA B 176 -8.84 -10.07 -13.96
CA ALA B 176 -9.86 -10.01 -12.92
C ALA B 176 -11.08 -9.22 -13.39
N VAL B 177 -12.25 -9.60 -12.89
CA VAL B 177 -13.49 -8.89 -13.16
C VAL B 177 -14.08 -8.43 -11.83
N LEU B 178 -14.48 -7.17 -11.77
CA LEU B 178 -15.07 -6.62 -10.55
C LEU B 178 -16.53 -7.08 -10.48
N GLN B 179 -16.83 -7.92 -9.50
CA GLN B 179 -18.19 -8.40 -9.33
C GLN B 179 -19.08 -7.32 -8.76
N SER B 180 -20.39 -7.59 -8.76
CA SER B 180 -21.34 -6.63 -8.22
C SER B 180 -21.16 -6.41 -6.72
N SER B 181 -20.56 -7.38 -6.02
CA SER B 181 -20.26 -7.28 -4.61
C SER B 181 -19.12 -6.31 -4.31
N GLY B 182 -18.47 -5.76 -5.33
CA GLY B 182 -17.30 -4.95 -5.11
C GLY B 182 -16.03 -5.75 -4.96
N LEU B 183 -16.09 -7.07 -5.11
CA LEU B 183 -14.95 -7.96 -5.01
C LEU B 183 -14.57 -8.46 -6.40
N TYR B 184 -13.27 -8.65 -6.60
CA TYR B 184 -12.72 -9.12 -7.85
C TYR B 184 -12.80 -10.64 -7.95
N SER B 185 -12.70 -11.15 -9.18
CA SER B 185 -12.70 -12.59 -9.40
C SER B 185 -11.99 -12.89 -10.70
N LEU B 186 -11.17 -13.93 -10.69
CA LEU B 186 -10.50 -14.41 -11.90
C LEU B 186 -10.29 -15.91 -11.79
N SER B 187 -9.87 -16.50 -12.90
CA SER B 187 -9.45 -17.89 -12.92
C SER B 187 -8.11 -18.00 -13.63
N SER B 188 -7.33 -19.00 -13.25
CA SER B 188 -6.05 -19.29 -13.90
C SER B 188 -5.97 -20.76 -14.27
N VAL B 189 -5.88 -21.07 -15.56
CA VAL B 189 -5.93 -22.45 -16.01
C VAL B 189 -4.57 -22.81 -16.60
N VAL B 190 -4.26 -24.10 -16.64
CA VAL B 190 -3.04 -24.59 -17.28
C VAL B 190 -3.26 -25.97 -17.89
N THR B 191 -2.87 -26.14 -19.16
CA THR B 191 -3.09 -27.41 -19.85
C THR B 191 -1.84 -28.26 -19.63
N VAL B 192 -2.01 -29.48 -19.12
CA VAL B 192 -0.86 -30.36 -18.94
C VAL B 192 -1.14 -31.78 -19.42
N PRO B 193 -0.13 -32.52 -19.87
CA PRO B 193 -0.38 -33.85 -20.46
C PRO B 193 -0.91 -34.79 -19.39
N SER B 194 -1.97 -35.53 -19.73
CA SER B 194 -2.58 -36.45 -18.79
C SER B 194 -1.62 -37.51 -18.25
N SER B 195 -0.43 -37.66 -18.85
CA SER B 195 0.48 -38.71 -18.42
C SER B 195 1.11 -38.39 -17.07
N SER B 196 1.77 -37.23 -16.98
CA SER B 196 2.34 -36.78 -15.70
C SER B 196 1.30 -36.53 -14.62
N LEU B 197 0.02 -36.78 -14.89
CA LEU B 197 -1.00 -36.55 -13.86
C LEU B 197 -0.75 -37.44 -12.65
N GLY B 198 -0.73 -38.76 -12.85
CA GLY B 198 -0.56 -39.64 -11.71
C GLY B 198 0.83 -39.51 -11.13
N THR B 199 1.82 -39.25 -12.00
CA THR B 199 3.22 -39.19 -11.62
C THR B 199 3.49 -38.02 -10.66
N GLN B 200 3.00 -36.83 -11.01
CA GLN B 200 3.29 -35.58 -10.31
C GLN B 200 2.01 -35.01 -9.69
N THR B 201 2.10 -33.79 -9.16
CA THR B 201 0.94 -33.05 -8.66
C THR B 201 1.01 -31.55 -8.92
N TYR B 202 -0.05 -30.99 -9.53
CA TYR B 202 -0.08 -29.58 -9.90
C TYR B 202 -0.88 -28.80 -8.84
N ILE B 203 -0.29 -27.71 -8.34
CA ILE B 203 -0.84 -26.83 -7.31
C ILE B 203 -0.79 -25.39 -7.79
N CYS B 204 -1.84 -24.60 -7.51
CA CYS B 204 -1.77 -23.20 -7.88
C CYS B 204 -1.43 -22.40 -6.62
N ASN B 205 -0.55 -21.43 -6.79
CA ASN B 205 -0.05 -20.59 -5.72
C ASN B 205 -0.61 -19.18 -5.84
N VAL B 206 -1.65 -18.89 -5.06
CA VAL B 206 -2.30 -17.59 -5.11
C VAL B 206 -1.66 -16.74 -4.02
N ASN B 207 -1.26 -15.52 -4.36
CA ASN B 207 -0.65 -14.61 -3.41
C ASN B 207 -1.38 -13.28 -3.48
N HIS B 208 -1.92 -12.85 -2.34
CA HIS B 208 -2.59 -11.56 -2.19
C HIS B 208 -1.90 -10.74 -1.08
N LYS B 209 -0.87 -9.98 -1.47
CA LYS B 209 -0.11 -9.21 -0.49
C LYS B 209 -0.96 -8.21 0.30
N PRO B 210 -1.97 -7.55 -0.26
CA PRO B 210 -2.77 -6.63 0.56
C PRO B 210 -3.37 -7.29 1.79
N SER B 211 -3.68 -8.58 1.73
CA SER B 211 -4.20 -9.28 2.89
C SER B 211 -3.16 -10.16 3.58
N ASN B 212 -1.92 -10.20 3.10
CA ASN B 212 -0.87 -11.04 3.67
C ASN B 212 -1.28 -12.51 3.67
N THR B 213 -1.96 -12.91 2.61
CA THR B 213 -2.46 -14.27 2.42
C THR B 213 -1.76 -14.97 1.26
N LYS B 214 -1.49 -16.26 1.48
CA LYS B 214 -0.88 -17.13 0.47
C LYS B 214 -1.63 -18.44 0.54
N VAL B 215 -2.11 -18.91 -0.61
CA VAL B 215 -2.92 -20.11 -0.67
C VAL B 215 -2.33 -20.98 -1.76
N ASP B 216 -2.22 -22.28 -1.47
CA ASP B 216 -1.78 -23.30 -2.41
C ASP B 216 -2.88 -24.35 -2.50
N LYS B 217 -3.57 -24.39 -3.64
CA LYS B 217 -4.71 -25.28 -3.82
C LYS B 217 -4.33 -26.34 -4.85
N LYS B 218 -4.19 -27.60 -4.42
CA LYS B 218 -3.90 -28.66 -5.38
C LYS B 218 -5.10 -28.91 -6.30
N VAL B 219 -4.80 -29.06 -7.59
CA VAL B 219 -5.77 -29.22 -8.66
C VAL B 219 -5.60 -30.60 -9.30
N GLU B 220 -6.66 -31.39 -9.31
CA GLU B 220 -6.59 -32.74 -9.87
C GLU B 220 -7.98 -33.08 -10.40
N PRO B 221 -8.08 -34.03 -11.32
CA PRO B 221 -9.40 -34.42 -11.85
C PRO B 221 -10.20 -35.34 -10.93
N LYS B 222 -11.48 -35.50 -11.32
CA LYS B 222 -12.47 -36.33 -10.63
C LYS B 222 -12.41 -36.23 -9.11
N VAL C 3 29.51 -4.67 22.93
CA VAL C 3 28.32 -4.27 23.68
C VAL C 3 28.51 -2.89 24.29
N MET C 4 27.60 -1.98 23.95
CA MET C 4 27.59 -0.61 24.47
C MET C 4 26.52 -0.50 25.55
N THR C 5 26.93 -0.10 26.75
CA THR C 5 26.04 0.03 27.90
C THR C 5 25.94 1.50 28.25
N GLN C 6 24.72 2.04 28.17
CA GLN C 6 24.44 3.43 28.46
C GLN C 6 23.86 3.62 29.85
N SER C 7 24.20 4.75 30.47
CA SER C 7 23.71 5.07 31.78
C SER C 7 23.62 6.59 31.93
N PRO C 8 22.51 7.12 32.47
CA PRO C 8 21.39 6.24 32.82
C PRO C 8 20.47 5.96 31.63
N LEU C 9 19.44 5.13 31.87
CA LEU C 9 18.46 4.81 30.85
C LEU C 9 17.36 5.86 30.77
N SER C 10 17.07 6.51 31.89
CA SER C 10 16.10 7.59 31.98
C SER C 10 16.73 8.75 32.73
N LEU C 11 16.52 9.95 32.20
CA LEU C 11 17.19 11.16 32.68
C LEU C 11 16.13 12.24 32.82
N PRO C 12 15.57 12.39 34.01
CA PRO C 12 14.62 13.49 34.25
C PRO C 12 15.37 14.78 34.50
N VAL C 13 15.00 15.82 33.74
CA VAL C 13 15.69 17.10 33.78
C VAL C 13 14.66 18.22 33.67
N SER C 14 14.79 19.24 34.53
CA SER C 14 13.92 20.39 34.40
C SER C 14 14.40 21.24 33.22
N PRO C 15 13.48 21.94 32.55
CA PRO C 15 13.89 22.77 31.40
C PRO C 15 14.84 23.89 31.79
N GLY C 16 15.91 24.05 30.99
CA GLY C 16 16.92 25.06 31.23
C GLY C 16 18.17 24.58 31.94
N GLU C 17 18.09 23.43 32.66
CA GLU C 17 19.06 22.70 33.47
C GLU C 17 19.87 21.69 32.64
N PRO C 18 21.11 21.39 33.07
CA PRO C 18 21.96 20.47 32.32
C PRO C 18 21.61 18.99 32.50
N ALA C 19 22.06 18.21 31.51
CA ALA C 19 21.92 16.77 31.46
C ALA C 19 23.23 16.10 31.05
N SER C 20 23.47 14.88 31.55
CA SER C 20 24.71 14.15 31.28
C SER C 20 24.38 12.67 31.10
N ILE C 21 24.83 12.10 29.97
CA ILE C 21 24.61 10.71 29.60
C ILE C 21 25.94 10.04 29.30
N SER C 22 26.17 8.85 29.86
CA SER C 22 27.42 8.13 29.69
C SER C 22 27.22 6.87 28.85
N CYS C 23 28.30 6.43 28.19
CA CYS C 23 28.29 5.28 27.30
C CYS C 23 29.61 4.53 27.49
N ARG C 24 29.52 3.24 27.82
CA ARG C 24 30.69 2.40 28.07
C ARG C 24 30.74 1.27 27.05
N SER C 25 31.95 0.99 26.54
CA SER C 25 32.14 -0.12 25.62
C SER C 25 32.96 -1.23 26.25
N THR C 26 32.82 -2.44 25.69
CA THR C 26 33.59 -3.62 26.07
C THR C 26 34.84 -3.83 25.22
N GLN C 27 35.15 -2.89 24.34
CA GLN C 27 36.31 -2.97 23.46
C GLN C 27 36.73 -1.55 23.11
N SER C 28 38.03 -1.34 22.97
CA SER C 28 38.50 0.00 22.64
C SER C 28 37.88 0.44 21.31
N LEU C 29 37.46 1.70 21.27
CA LEU C 29 36.84 2.31 20.11
C LEU C 29 37.80 3.13 19.29
N ILE C 30 39.10 2.98 19.51
CA ILE C 30 40.07 3.77 18.78
C ILE C 30 40.28 3.09 17.43
N PHE C 31 40.26 3.89 16.37
CA PHE C 31 40.82 3.51 15.09
C PHE C 31 41.51 4.73 14.54
N GLY C 32 42.81 4.60 14.31
CA GLY C 32 43.60 5.71 13.86
C GLY C 32 43.71 6.79 14.93
N GLU C 33 43.38 8.03 14.56
CA GLU C 33 43.47 9.17 15.47
C GLU C 33 42.09 9.66 15.86
N HIS C 34 41.12 8.76 15.83
CA HIS C 34 39.73 9.02 16.18
C HIS C 34 39.20 7.85 16.99
N ASN C 35 38.26 8.15 17.88
CA ASN C 35 37.48 7.13 18.57
C ASN C 35 36.15 7.06 17.84
N TYR C 36 35.79 5.86 17.38
CA TYR C 36 34.64 5.68 16.50
C TYR C 36 33.37 5.38 17.30
N LEU C 37 32.88 6.44 17.95
CA LEU C 37 31.64 6.42 18.71
C LEU C 37 30.89 7.70 18.38
N ASP C 38 29.61 7.56 18.03
CA ASP C 38 28.77 8.68 17.65
C ASP C 38 27.57 8.78 18.58
N TRP C 39 27.03 9.99 18.73
CA TRP C 39 25.88 10.25 19.57
C TRP C 39 24.74 10.74 18.67
N TYR C 40 23.55 10.17 18.87
CA TYR C 40 22.38 10.54 18.08
C TYR C 40 21.23 10.96 18.99
N LEU C 41 20.37 11.83 18.45
CA LEU C 41 19.11 12.23 19.09
C LEU C 41 17.95 11.87 18.18
N GLN C 42 16.95 11.19 18.75
CA GLN C 42 15.74 10.82 18.03
C GLN C 42 14.52 11.44 18.72
N LYS C 43 13.84 12.35 18.02
CA LYS C 43 12.58 12.88 18.53
C LYS C 43 11.45 11.97 18.07
N PRO C 44 10.31 11.96 18.77
CA PRO C 44 9.24 11.03 18.40
C PRO C 44 8.75 11.24 16.98
N GLY C 45 8.64 10.15 16.23
CA GLY C 45 8.19 10.18 14.85
C GLY C 45 9.16 10.68 13.81
N GLN C 46 10.41 10.95 14.17
CA GLN C 46 11.39 11.49 13.22
C GLN C 46 12.57 10.54 13.11
N SER C 47 13.38 10.73 12.06
CA SER C 47 14.62 9.97 11.94
C SER C 47 15.72 10.54 12.85
N PRO C 48 16.69 9.71 13.24
CA PRO C 48 17.82 10.18 14.04
C PRO C 48 18.67 11.22 13.32
N GLN C 49 19.25 12.13 14.10
CA GLN C 49 20.09 13.24 13.62
C GLN C 49 21.44 13.16 14.30
N LEU C 50 22.52 13.21 13.51
CA LEU C 50 23.87 13.15 14.05
C LEU C 50 24.24 14.38 14.87
N LEU C 51 24.75 14.14 16.09
CA LEU C 51 25.21 15.20 16.97
C LEU C 51 26.73 15.27 17.13
N ILE C 52 27.38 14.19 17.57
CA ILE C 52 28.83 14.17 17.80
C ILE C 52 29.46 12.99 17.06
N TYR C 53 30.53 13.23 16.31
CA TYR C 53 31.24 12.13 15.65
C TYR C 53 32.65 12.02 16.19
N LEU C 54 33.18 10.80 16.19
CA LEU C 54 34.53 10.51 16.64
C LEU C 54 34.83 11.05 18.04
N ALA C 55 33.92 10.77 18.96
CA ALA C 55 34.09 10.98 20.40
C ALA C 55 34.03 12.43 20.86
N SER C 56 34.63 13.36 20.11
CA SER C 56 34.77 14.70 20.67
C SER C 56 34.63 15.84 19.67
N ASN C 57 34.20 15.60 18.43
CA ASN C 57 34.12 16.67 17.44
C ASN C 57 32.66 17.06 17.24
N ARG C 58 32.35 18.33 17.48
CA ARG C 58 31.01 18.89 17.35
C ARG C 58 30.60 19.17 15.91
N ALA C 59 30.55 18.14 15.07
CA ALA C 59 30.16 18.41 13.70
C ALA C 59 28.70 18.83 13.65
N SER C 60 28.34 19.55 12.59
CA SER C 60 26.98 20.03 12.43
C SER C 60 26.55 20.76 13.70
N GLY C 61 27.54 21.32 14.41
CA GLY C 61 27.32 22.05 15.64
C GLY C 61 26.55 23.30 15.32
N VAL C 62 25.29 23.12 14.93
CA VAL C 62 24.41 24.20 14.56
C VAL C 62 23.82 24.81 15.84
N ASP C 64 25.49 23.96 19.51
CA ASP C 64 26.73 24.02 20.27
C ASP C 64 26.49 23.72 21.74
N ARG C 65 25.21 23.62 22.12
CA ARG C 65 24.86 23.19 23.48
C ARG C 65 25.34 21.77 23.74
N PHE C 66 25.52 20.99 22.68
CA PHE C 66 25.97 19.61 22.72
C PHE C 66 27.48 19.50 22.61
N SER C 67 28.07 18.62 23.42
CA SER C 67 29.49 18.37 23.36
C SER C 67 29.72 16.93 23.81
N GLY C 68 30.81 16.35 23.31
CA GLY C 68 31.17 15.00 23.65
C GLY C 68 32.61 14.91 24.09
N SER C 69 32.88 13.89 24.90
CA SER C 69 34.22 13.68 25.42
C SER C 69 34.40 12.20 25.73
N GLY C 70 35.63 11.84 26.05
CA GLY C 70 35.99 10.47 26.38
C GLY C 70 36.96 9.89 25.38
N SER C 71 37.53 8.76 25.76
CA SER C 71 38.50 8.07 24.92
C SER C 71 38.55 6.61 25.35
N GLY C 72 38.92 5.75 24.40
CA GLY C 72 39.05 4.34 24.68
C GLY C 72 37.69 3.68 24.72
N THR C 73 37.14 3.46 25.92
CA THR C 73 35.86 2.78 26.05
C THR C 73 34.80 3.56 26.84
N TYR C 74 35.08 4.77 27.29
CA TYR C 74 34.14 5.53 28.13
C TYR C 74 33.93 6.92 27.53
N PHE C 75 32.68 7.25 27.23
CA PHE C 75 32.32 8.50 26.57
C PHE C 75 31.08 9.09 27.23
N THR C 76 30.99 10.43 27.20
CA THR C 76 29.92 11.15 27.88
C THR C 76 29.44 12.30 27.00
N LEU C 77 28.12 12.36 26.82
CA LEU C 77 27.44 13.49 26.19
C LEU C 77 26.82 14.38 27.25
N LYS C 78 26.99 15.70 27.10
CA LYS C 78 26.48 16.68 28.06
C LYS C 78 25.66 17.72 27.31
N ILE C 79 24.55 18.13 27.91
CA ILE C 79 23.77 19.26 27.44
C ILE C 79 23.82 20.38 28.46
N SER C 80 24.40 21.51 28.06
CA SER C 80 24.58 22.65 28.96
C SER C 80 23.25 23.17 29.49
N ARG C 81 22.29 23.33 28.59
CA ARG C 81 20.95 23.80 28.94
C ARG C 81 19.91 23.07 28.09
N VAL C 82 19.14 22.16 28.70
CA VAL C 82 18.18 21.44 27.89
C VAL C 82 17.11 22.44 27.48
N GLU C 83 16.57 22.25 26.28
CA GLU C 83 15.50 23.08 25.75
C GLU C 83 14.32 22.22 25.34
N ALA C 84 13.19 22.88 25.07
CA ALA C 84 11.97 22.15 24.77
C ALA C 84 12.18 21.23 23.57
N GLU C 85 12.96 21.68 22.58
CA GLU C 85 13.17 20.88 21.38
C GLU C 85 14.16 19.73 21.62
N ASP C 86 14.77 19.64 22.81
CA ASP C 86 15.67 18.56 23.15
C ASP C 86 14.96 17.29 23.62
N PHE C 87 13.64 17.29 23.71
CA PHE C 87 12.92 16.09 24.12
C PHE C 87 13.23 14.93 23.17
N GLY C 88 13.45 13.76 23.71
CA GLY C 88 13.72 12.59 22.88
C GLY C 88 14.57 11.55 23.59
N VAL C 89 15.04 10.60 22.80
CA VAL C 89 15.85 9.46 23.24
C VAL C 89 17.23 9.58 22.60
N TYR C 90 18.27 9.53 23.43
CA TYR C 90 19.64 9.65 22.98
C TYR C 90 20.31 8.28 22.91
N TYR C 91 21.02 8.02 21.81
CA TYR C 91 21.70 6.74 21.57
C TYR C 91 23.17 7.00 21.27
N CYS C 92 24.04 6.15 21.81
CA CYS C 92 25.42 6.06 21.33
C CYS C 92 25.58 4.83 20.44
N VAL C 93 26.54 4.92 19.53
CA VAL C 93 26.85 3.82 18.62
C VAL C 93 28.33 3.85 18.32
N GLN C 94 28.96 2.68 18.36
CA GLN C 94 30.37 2.54 18.00
C GLN C 94 30.49 2.05 16.56
N THR C 95 31.47 2.59 15.82
CA THR C 95 31.74 2.18 14.45
C THR C 95 33.20 1.82 14.23
N VAL C 96 33.94 1.49 15.28
CA VAL C 96 35.33 1.08 15.12
C VAL C 96 35.49 -0.33 14.59
N GLN C 97 34.46 -1.17 14.71
CA GLN C 97 34.54 -2.57 14.33
C GLN C 97 33.14 -3.03 13.96
N VAL C 98 33.04 -3.75 12.85
CA VAL C 98 31.78 -4.42 12.51
C VAL C 98 31.70 -5.74 13.29
N PRO C 99 30.52 -6.11 13.81
CA PRO C 99 29.25 -5.38 13.66
C PRO C 99 29.15 -4.10 14.51
N TYR C 100 28.64 -3.03 13.91
CA TYR C 100 28.34 -1.81 14.64
C TYR C 100 27.25 -2.08 15.67
N THR C 101 27.40 -1.51 16.86
CA THR C 101 26.46 -1.76 17.95
C THR C 101 26.01 -0.46 18.59
N PHE C 102 24.72 -0.41 18.97
CA PHE C 102 24.13 0.78 19.58
C PHE C 102 23.95 0.55 21.07
N GLY C 103 23.95 1.65 21.82
CA GLY C 103 23.47 1.59 23.18
C GLY C 103 21.96 1.41 23.26
N GLN C 104 21.49 1.19 24.49
CA GLN C 104 20.07 0.94 24.70
C GLN C 104 19.23 2.19 24.51
N GLY C 105 19.83 3.38 24.58
CA GLY C 105 19.09 4.62 24.50
C GLY C 105 18.73 5.26 25.83
N THR C 106 18.86 6.59 25.92
CA THR C 106 18.53 7.33 27.13
C THR C 106 17.40 8.30 26.82
N LYS C 107 16.29 8.11 27.52
CA LYS C 107 15.07 8.91 27.38
C LYS C 107 15.15 10.16 28.24
N LEU C 108 15.21 11.33 27.61
CA LEU C 108 15.28 12.57 28.38
C LEU C 108 13.84 12.95 28.69
N GLU C 109 13.52 12.83 29.97
CA GLU C 109 12.23 13.12 30.59
C GLU C 109 12.20 14.50 31.24
N ILE C 110 11.09 15.19 31.05
CA ILE C 110 10.91 16.55 31.55
C ILE C 110 10.32 16.41 32.95
N LYS C 111 11.04 16.93 33.93
CA LYS C 111 10.68 16.84 35.34
C LYS C 111 9.79 17.98 35.80
N ARG C 112 8.49 17.71 35.88
CA ARG C 112 7.50 18.63 36.41
C ARG C 112 7.18 18.25 37.85
N THR C 113 6.21 18.95 38.43
CA THR C 113 5.78 18.63 39.78
C THR C 113 4.93 17.37 39.78
N VAL C 114 4.69 16.85 40.99
CA VAL C 114 3.89 15.64 41.13
C VAL C 114 2.43 15.94 40.79
N ALA C 115 1.80 15.04 40.05
CA ALA C 115 0.41 15.18 39.67
C ALA C 115 -0.27 13.83 39.85
N ALA C 116 -1.39 13.81 40.55
CA ALA C 116 -2.09 12.57 40.80
C ALA C 116 -2.92 12.17 39.59
N PRO C 117 -3.06 10.87 39.33
CA PRO C 117 -3.84 10.43 38.18
C PRO C 117 -5.33 10.44 38.49
N SER C 118 -6.12 10.67 37.46
CA SER C 118 -7.56 10.46 37.52
C SER C 118 -7.82 9.03 37.07
N VAL C 119 -8.47 8.25 37.94
CA VAL C 119 -8.64 6.81 37.71
C VAL C 119 -10.06 6.56 37.21
N PHE C 120 -10.16 5.77 36.16
CA PHE C 120 -11.45 5.39 35.58
C PHE C 120 -11.48 3.89 35.29
N ILE C 121 -12.66 3.32 35.44
CA ILE C 121 -12.88 1.89 35.20
C ILE C 121 -13.96 1.79 34.12
N PHE C 122 -13.76 0.86 33.19
CA PHE C 122 -14.66 0.68 32.06
C PHE C 122 -15.03 -0.79 31.97
N PRO C 123 -16.30 -1.13 32.08
CA PRO C 123 -16.70 -2.54 31.88
C PRO C 123 -16.65 -2.90 30.41
N PRO C 124 -16.67 -4.19 30.09
CA PRO C 124 -16.72 -4.61 28.69
C PRO C 124 -18.01 -4.15 28.04
N SER C 125 -17.95 -3.88 26.74
CA SER C 125 -19.19 -3.43 26.14
C SER C 125 -20.04 -4.64 25.81
N ASP C 126 -21.33 -4.40 25.61
CA ASP C 126 -22.24 -5.50 25.26
C ASP C 126 -21.90 -6.10 23.90
N GLU C 127 -21.44 -5.27 22.97
CA GLU C 127 -21.03 -5.76 21.65
C GLU C 127 -19.88 -6.76 21.77
N GLN C 128 -18.87 -6.45 22.58
CA GLN C 128 -17.72 -7.35 22.67
C GLN C 128 -18.07 -8.67 23.34
N LEU C 129 -19.02 -8.67 24.27
CA LEU C 129 -19.41 -9.93 24.91
C LEU C 129 -20.07 -10.88 23.92
N LYS C 130 -20.69 -10.34 22.87
CA LYS C 130 -21.24 -11.13 21.77
C LYS C 130 -20.17 -11.78 20.90
N SER C 131 -18.89 -11.49 21.12
CA SER C 131 -17.83 -12.17 20.39
C SER C 131 -17.13 -13.26 21.19
N GLY C 132 -17.40 -13.35 22.49
CA GLY C 132 -16.74 -14.31 23.35
C GLY C 132 -15.66 -13.77 24.26
N THR C 133 -15.35 -12.48 24.21
CA THR C 133 -14.23 -11.97 24.97
C THR C 133 -14.70 -10.73 25.72
N ALA C 134 -14.11 -10.50 26.89
CA ALA C 134 -14.39 -9.32 27.70
C ALA C 134 -13.11 -8.57 28.01
N SER C 135 -13.14 -7.25 27.83
CA SER C 135 -11.98 -6.41 28.11
C SER C 135 -12.43 -5.37 29.12
N VAL C 136 -11.74 -5.34 30.26
CA VAL C 136 -11.98 -4.34 31.29
C VAL C 136 -10.78 -3.42 31.26
N VAL C 137 -11.02 -2.11 31.23
CA VAL C 137 -9.94 -1.15 31.10
C VAL C 137 -9.89 -0.27 32.33
N CYS C 138 -8.69 0.05 32.76
CA CYS C 138 -8.46 0.94 33.89
C CYS C 138 -7.62 2.08 33.34
N LEU C 139 -8.09 3.30 33.53
CA LEU C 139 -7.45 4.46 32.92
C LEU C 139 -6.82 5.29 34.02
N LEU C 140 -5.54 5.60 33.88
CA LEU C 140 -4.85 6.55 34.76
C LEU C 140 -4.50 7.76 33.91
N ASN C 141 -5.13 8.90 34.21
CA ASN C 141 -5.07 10.04 33.31
C ASN C 141 -4.24 11.16 33.92
N ASN C 142 -3.20 11.59 33.19
CA ASN C 142 -2.41 12.78 33.50
C ASN C 142 -1.81 12.71 34.90
N PHE C 143 -0.72 11.96 35.04
CA PHE C 143 -0.03 11.83 36.32
C PHE C 143 1.47 12.00 36.06
N TYR C 144 2.21 12.18 37.17
CA TYR C 144 3.65 12.28 37.08
C TYR C 144 4.21 12.03 38.47
N PRO C 145 5.32 11.27 38.62
CA PRO C 145 6.11 10.60 37.60
C PRO C 145 5.49 9.32 37.04
N ARG C 146 6.26 8.61 36.21
CA ARG C 146 5.74 7.45 35.49
C ARG C 146 5.46 6.26 36.40
N GLU C 147 6.21 6.10 37.49
CA GLU C 147 6.06 4.93 38.33
C GLU C 147 4.66 4.84 38.93
N ALA C 148 3.96 3.75 38.61
CA ALA C 148 2.61 3.57 39.13
C ALA C 148 2.29 2.08 39.15
N LYS C 149 1.52 1.67 40.15
CA LYS C 149 1.14 0.27 40.31
C LYS C 149 -0.36 0.11 40.10
N VAL C 150 -0.73 -0.74 39.14
CA VAL C 150 -2.12 -1.07 38.87
C VAL C 150 -2.31 -2.56 39.12
N GLN C 151 -3.29 -2.90 39.96
CA GLN C 151 -3.58 -4.29 40.30
C GLN C 151 -5.06 -4.56 40.09
N TRP C 152 -5.35 -5.71 39.48
CA TRP C 152 -6.71 -6.12 39.20
C TRP C 152 -7.17 -7.15 40.23
N LYS C 153 -8.40 -7.00 40.70
CA LYS C 153 -9.01 -7.94 41.62
C LYS C 153 -10.43 -8.21 41.15
N VAL C 154 -10.75 -9.49 40.95
CA VAL C 154 -12.08 -9.93 40.54
C VAL C 154 -12.67 -10.75 41.69
N ASP C 155 -13.67 -10.17 42.36
CA ASP C 155 -14.25 -10.75 43.58
C ASP C 155 -13.16 -10.97 44.62
N ASN C 156 -12.36 -9.92 44.83
CA ASN C 156 -11.31 -9.87 45.83
C ASN C 156 -10.20 -10.89 45.53
N ALA C 157 -10.04 -11.24 44.25
CA ALA C 157 -8.99 -12.18 43.82
C ALA C 157 -8.03 -11.40 42.92
N LEU C 158 -6.80 -11.24 43.39
CA LEU C 158 -5.77 -10.52 42.64
C LEU C 158 -5.41 -11.21 41.34
N GLN C 159 -5.48 -10.48 40.23
CA GLN C 159 -5.18 -11.08 38.93
C GLN C 159 -3.70 -10.96 38.65
N SER C 160 -3.21 -11.86 37.78
CA SER C 160 -1.81 -11.88 37.40
C SER C 160 -1.68 -12.60 36.07
N GLY C 161 -1.13 -11.91 35.08
CA GLY C 161 -0.81 -12.50 33.80
C GLY C 161 -1.85 -12.26 32.74
N ASN C 162 -3.02 -11.71 33.09
CA ASN C 162 -4.10 -11.51 32.14
C ASN C 162 -4.39 -10.04 31.92
N SER C 163 -3.38 -9.19 32.13
CA SER C 163 -3.53 -7.76 31.93
C SER C 163 -2.31 -7.27 31.18
N GLN C 164 -2.48 -6.19 30.44
CA GLN C 164 -1.37 -5.59 29.73
C GLN C 164 -1.48 -4.08 29.85
N GLU C 165 -0.34 -3.42 29.99
CA GLU C 165 -0.33 -1.99 30.22
C GLU C 165 0.30 -1.29 29.01
N SER C 166 -0.10 -0.04 28.83
CA SER C 166 0.44 0.79 27.77
C SER C 166 0.39 2.23 28.27
N VAL C 167 1.51 2.93 28.12
CA VAL C 167 1.65 4.30 28.60
C VAL C 167 1.99 5.19 27.43
N THR C 168 1.36 6.35 27.36
CA THR C 168 1.65 7.35 26.35
C THR C 168 2.94 8.09 26.67
N GLU C 169 3.46 8.78 25.66
CA GLU C 169 4.60 9.66 25.83
C GLU C 169 4.17 10.89 26.62
N GLN C 170 5.16 11.63 27.12
CA GLN C 170 4.89 12.82 27.91
C GLN C 170 4.07 13.81 27.09
N ASP C 171 3.02 14.35 27.71
CA ASP C 171 2.12 15.27 27.03
C ASP C 171 2.82 16.58 26.73
N SER C 172 2.60 17.09 25.51
CA SER C 172 3.27 18.29 25.05
C SER C 172 2.79 19.54 25.78
N LYS C 173 1.65 19.46 26.47
CA LYS C 173 1.08 20.61 27.16
C LYS C 173 1.46 20.62 28.64
N ASP C 174 1.11 19.58 29.38
CA ASP C 174 1.32 19.53 30.82
C ASP C 174 2.42 18.56 31.26
N SER C 175 3.07 17.88 30.32
CA SER C 175 4.26 17.07 30.58
C SER C 175 3.95 15.89 31.50
N THR C 176 2.70 15.44 31.48
CA THR C 176 2.22 14.31 32.28
C THR C 176 2.11 13.07 31.42
N TYR C 177 2.00 11.92 32.09
CA TYR C 177 1.78 10.66 31.41
C TYR C 177 0.34 10.22 31.67
N SER C 178 -0.15 9.37 30.78
CA SER C 178 -1.39 8.66 30.99
C SER C 178 -1.14 7.19 30.69
N LEU C 179 -1.82 6.32 31.44
CA LEU C 179 -1.56 4.89 31.36
C LEU C 179 -2.89 4.17 31.32
N SER C 180 -2.96 3.13 30.49
CA SER C 180 -4.12 2.27 30.43
C SER C 180 -3.68 0.84 30.72
N SER C 181 -4.54 0.11 31.41
CA SER C 181 -4.33 -1.29 31.74
C SER C 181 -5.60 -2.02 31.37
N THR C 182 -5.48 -3.06 30.56
CA THR C 182 -6.63 -3.77 30.04
C THR C 182 -6.65 -5.20 30.57
N LEU C 183 -7.70 -5.55 31.30
CA LEU C 183 -7.87 -6.92 31.75
C LEU C 183 -8.75 -7.64 30.73
N THR C 184 -8.22 -8.73 30.16
CA THR C 184 -8.91 -9.49 29.12
C THR C 184 -9.30 -10.86 29.67
N LEU C 185 -10.59 -11.15 29.64
CA LEU C 185 -11.11 -12.43 30.07
C LEU C 185 -12.09 -12.97 29.03
N SER C 186 -12.30 -14.28 29.07
CA SER C 186 -13.30 -14.89 28.22
C SER C 186 -14.70 -14.46 28.67
N LYS C 187 -15.66 -14.59 27.75
CA LYS C 187 -17.03 -14.25 28.08
C LYS C 187 -17.55 -15.13 29.22
N ALA C 188 -17.17 -16.42 29.21
CA ALA C 188 -17.65 -17.30 30.26
C ALA C 188 -17.01 -16.96 31.60
N ASP C 189 -15.71 -16.67 31.60
CA ASP C 189 -15.06 -16.35 32.87
C ASP C 189 -15.53 -15.00 33.39
N TYR C 190 -15.87 -14.08 32.48
CA TYR C 190 -16.34 -12.77 32.91
C TYR C 190 -17.72 -12.88 33.53
N GLU C 191 -18.64 -13.59 32.87
CA GLU C 191 -20.00 -13.71 33.38
C GLU C 191 -20.07 -14.58 34.62
N LYS C 192 -18.99 -15.28 34.98
CA LYS C 192 -18.99 -16.10 36.19
C LYS C 192 -18.71 -15.29 37.45
N HIS C 193 -18.23 -14.05 37.32
CA HIS C 193 -17.92 -13.19 38.45
C HIS C 193 -18.68 -11.87 38.34
N LYS C 194 -18.72 -11.11 39.45
CA LYS C 194 -19.53 -9.90 39.51
C LYS C 194 -18.74 -8.62 39.78
N VAL C 195 -17.78 -8.63 40.71
CA VAL C 195 -17.07 -7.41 41.11
C VAL C 195 -15.70 -7.37 40.48
N TYR C 196 -15.38 -6.28 39.80
CA TYR C 196 -14.10 -6.09 39.13
C TYR C 196 -13.51 -4.76 39.58
N ALA C 197 -12.28 -4.78 40.06
CA ALA C 197 -11.65 -3.58 40.59
C ALA C 197 -10.20 -3.50 40.16
N CYS C 198 -9.73 -2.29 39.89
CA CYS C 198 -8.33 -2.01 39.67
C CYS C 198 -7.85 -1.03 40.73
N GLU C 199 -6.73 -1.34 41.37
CA GLU C 199 -6.19 -0.55 42.49
C GLU C 199 -4.93 0.16 42.02
N VAL C 200 -4.89 1.48 42.21
CA VAL C 200 -3.81 2.33 41.70
C VAL C 200 -2.98 2.87 42.86
N THR C 201 -1.66 2.75 42.75
CA THR C 201 -0.74 3.33 43.72
C THR C 201 0.20 4.29 43.02
N HIS C 202 0.20 5.55 43.47
CA HIS C 202 1.01 6.59 42.85
C HIS C 202 1.42 7.61 43.90
N GLN C 203 2.54 8.30 43.64
CA GLN C 203 3.06 9.29 44.58
C GLN C 203 2.05 10.40 44.83
N GLY C 204 1.32 10.82 43.80
CA GLY C 204 0.36 11.91 43.94
C GLY C 204 -0.88 11.57 44.73
N LEU C 205 -1.01 10.32 45.15
CA LEU C 205 -2.15 9.85 45.94
C LEU C 205 -1.69 9.62 47.37
N SER C 206 -2.39 10.22 48.33
CA SER C 206 -2.07 9.99 49.73
C SER C 206 -2.26 8.52 50.11
N SER C 207 -3.34 7.90 49.64
CA SER C 207 -3.63 6.50 49.83
C SER C 207 -4.08 5.90 48.50
N PRO C 208 -3.80 4.61 48.26
CA PRO C 208 -4.20 4.02 46.97
C PRO C 208 -5.70 4.16 46.74
N VAL C 209 -6.05 4.31 45.47
CA VAL C 209 -7.43 4.50 45.03
C VAL C 209 -7.87 3.26 44.26
N THR C 210 -9.10 2.81 44.55
CA THR C 210 -9.65 1.63 43.90
C THR C 210 -10.96 2.07 43.25
N LYS C 211 -11.07 1.82 41.95
CA LYS C 211 -12.32 2.06 41.22
C LYS C 211 -12.82 0.73 40.69
N SER C 212 -14.09 0.46 40.94
CA SER C 212 -14.68 -0.84 40.70
C SER C 212 -16.08 -0.66 40.15
N PHE C 213 -16.70 -1.79 39.83
CA PHE C 213 -18.08 -1.82 39.38
C PHE C 213 -18.62 -3.22 39.64
N ASN C 214 -19.94 -3.33 39.56
CA ASN C 214 -20.63 -4.60 39.72
C ASN C 214 -21.49 -4.81 38.47
N ARG C 215 -21.47 -6.03 37.95
CA ARG C 215 -22.24 -6.31 36.75
C ARG C 215 -23.72 -6.10 37.02
N GLY C 216 -24.34 -5.17 36.28
CA GLY C 216 -25.70 -4.80 36.56
C GLY C 216 -25.85 -3.97 37.81
N GLU C 217 -24.81 -3.24 38.20
CA GLU C 217 -24.77 -2.46 39.44
C GLU C 217 -25.07 -3.33 40.66
N VAL D 2 19.14 17.50 -1.02
CA VAL D 2 19.35 16.06 -1.03
C VAL D 2 18.18 15.36 -0.33
N GLN D 3 17.73 14.26 -0.91
CA GLN D 3 16.73 13.39 -0.29
C GLN D 3 17.03 11.95 -0.67
N LEU D 4 17.00 11.06 0.33
CA LEU D 4 17.13 9.62 0.10
C LEU D 4 15.79 9.00 0.48
N LEU D 5 15.08 8.47 -0.51
CA LEU D 5 13.71 8.00 -0.32
C LEU D 5 13.74 6.48 -0.51
N GLU D 6 13.48 5.76 0.58
CA GLU D 6 13.51 4.32 0.58
C GLU D 6 12.10 3.80 0.36
N SER D 7 12.02 2.61 -0.24
CA SER D 7 10.72 1.96 -0.43
C SER D 7 10.92 0.46 -0.58
N GLY D 8 9.80 -0.24 -0.63
CA GLY D 8 9.79 -1.67 -0.85
C GLY D 8 8.47 -2.24 -0.34
N GLY D 9 8.52 -3.42 0.27
CA GLY D 9 7.32 -3.99 0.83
C GLY D 9 6.94 -3.35 2.14
N GLY D 10 5.83 -3.83 2.70
CA GLY D 10 5.34 -3.34 3.97
C GLY D 10 5.00 -4.50 4.88
N LEU D 11 4.48 -5.58 4.29
CA LEU D 11 4.02 -6.72 5.07
C LEU D 11 4.34 -8.00 4.31
N GLU D 12 4.86 -9.00 5.04
CA GLU D 12 5.13 -10.33 4.49
C GLU D 12 5.00 -11.41 5.57
N GLN D 13 4.61 -12.62 5.15
CA GLN D 13 4.49 -13.73 6.07
C GLN D 13 5.89 -14.24 6.46
N PRO D 14 6.02 -14.88 7.62
CA PRO D 14 7.27 -15.58 7.94
C PRO D 14 7.66 -16.57 6.86
N GLY D 15 8.96 -16.58 6.54
CA GLY D 15 9.47 -17.39 5.46
C GLY D 15 9.37 -16.74 4.10
N GLY D 16 8.64 -15.64 3.98
CA GLY D 16 8.52 -14.94 2.72
C GLY D 16 9.72 -14.05 2.48
N SER D 17 9.59 -13.24 1.44
CA SER D 17 10.68 -12.38 1.02
C SER D 17 10.16 -10.99 0.70
N LEU D 18 11.00 -10.00 0.97
CA LEU D 18 10.79 -8.62 0.58
C LEU D 18 12.11 -8.08 0.10
N ARG D 19 12.03 -7.03 -0.71
CA ARG D 19 13.23 -6.39 -1.24
C ARG D 19 13.05 -4.91 -0.97
N LEU D 20 13.88 -4.38 -0.09
CA LEU D 20 13.82 -2.96 0.24
C LEU D 20 14.75 -2.21 -0.70
N SER D 21 14.31 -1.03 -1.11
CA SER D 21 15.03 -0.25 -2.10
C SER D 21 15.15 1.18 -1.61
N CYS D 22 16.32 1.77 -1.80
CA CYS D 22 16.60 3.13 -1.35
C CYS D 22 17.28 3.89 -2.50
N VAL D 23 16.53 4.74 -3.17
CA VAL D 23 17.02 5.50 -4.31
C VAL D 23 17.56 6.84 -3.81
N VAL D 24 18.82 7.12 -4.10
CA VAL D 24 19.50 8.32 -3.61
C VAL D 24 19.60 9.32 -4.76
N SER D 25 19.12 10.55 -4.52
CA SER D 25 19.19 11.61 -5.52
C SER D 25 19.92 12.83 -4.96
N GLY D 26 20.53 13.59 -5.86
CA GLY D 26 21.26 14.79 -5.51
C GLY D 26 22.48 14.56 -4.64
N PHE D 27 23.10 13.40 -4.75
CA PHE D 27 24.18 12.99 -3.86
C PHE D 27 25.04 12.00 -4.64
N THR D 28 26.35 12.15 -4.54
CA THR D 28 27.28 11.30 -5.28
C THR D 28 27.30 9.88 -4.71
N PHE D 29 26.26 9.12 -5.04
CA PHE D 29 26.04 7.80 -4.43
C PHE D 29 27.29 6.94 -4.57
N SER D 30 27.89 6.94 -5.76
CA SER D 30 28.96 6.01 -6.04
C SER D 30 30.16 6.25 -5.14
N ASN D 31 30.29 7.43 -4.54
CA ASN D 31 31.49 7.73 -3.80
C ASN D 31 31.43 7.33 -2.32
N TYR D 32 30.29 6.80 -1.86
CA TYR D 32 30.11 6.59 -0.42
C TYR D 32 29.50 5.21 -0.14
N ALA D 33 29.79 4.71 1.05
CA ALA D 33 29.13 3.54 1.61
C ALA D 33 27.77 3.88 2.18
N PHE D 34 26.86 2.90 2.12
CA PHE D 34 25.51 3.02 2.66
C PHE D 34 25.18 1.84 3.54
N ASN D 35 24.30 2.10 4.51
CA ASN D 35 23.92 1.15 5.55
C ASN D 35 22.42 0.99 5.60
N TRP D 36 22.00 -0.13 6.17
CA TRP D 36 20.63 -0.34 6.60
C TRP D 36 20.62 -0.45 8.12
N VAL D 37 19.71 0.31 8.74
CA VAL D 37 19.52 0.31 10.19
C VAL D 37 18.02 0.16 10.42
N ARG D 38 17.63 -0.71 11.34
CA ARG D 38 16.22 -0.97 11.58
C ARG D 38 15.89 -0.68 13.05
N GLN D 39 14.60 -0.47 13.31
CA GLN D 39 14.13 -0.11 14.64
C GLN D 39 12.77 -0.74 14.90
N ALA D 40 12.74 -1.72 15.80
CA ALA D 40 11.48 -2.32 16.19
C ALA D 40 10.65 -1.25 16.90
N PRO D 41 9.31 -1.35 16.82
CA PRO D 41 8.46 -0.31 17.42
C PRO D 41 8.74 -0.03 18.88
N GLY D 42 9.06 1.23 19.17
CA GLY D 42 9.40 1.66 20.52
C GLY D 42 10.78 1.29 20.99
N LYS D 43 11.38 0.24 20.43
CA LYS D 43 12.72 -0.18 20.83
C LYS D 43 13.77 0.69 20.14
N GLY D 44 15.03 0.27 20.21
CA GLY D 44 16.14 1.05 19.72
C GLY D 44 16.60 0.63 18.32
N LEU D 45 17.71 1.22 17.91
CA LEU D 45 18.30 0.98 16.60
C LEU D 45 19.21 -0.24 16.62
N GLU D 46 19.20 -1.00 15.52
CA GLU D 46 20.05 -2.17 15.36
C GLU D 46 20.65 -2.16 13.96
N TRP D 47 21.97 -2.20 13.87
CA TRP D 47 22.62 -2.27 12.57
C TRP D 47 22.44 -3.65 11.97
N VAL D 48 22.13 -3.70 10.68
CA VAL D 48 21.80 -4.93 9.99
C VAL D 48 22.89 -5.35 9.01
N ALA D 49 23.28 -4.45 8.12
CA ALA D 49 24.23 -4.76 7.06
C ALA D 49 24.78 -3.47 6.48
N ILE D 50 25.89 -3.57 5.77
CA ILE D 50 26.49 -2.44 5.07
C ILE D 50 27.01 -2.92 3.73
N ILE D 51 26.87 -2.07 2.72
CA ILE D 51 27.48 -2.32 1.41
C ILE D 51 28.23 -1.05 1.03
N TYR D 52 29.52 -1.19 0.74
CA TYR D 52 30.30 -0.01 0.42
C TYR D 52 30.09 0.37 -1.04
N ARG D 53 30.54 1.57 -1.41
CA ARG D 53 30.32 2.05 -2.76
C ARG D 53 30.99 1.15 -3.78
N SER D 54 32.10 0.51 -3.38
CA SER D 54 32.76 -0.47 -4.23
C SER D 54 31.85 -1.64 -4.57
N GLY D 55 31.08 -2.12 -3.59
CA GLY D 55 30.29 -3.31 -3.78
C GLY D 55 30.97 -4.62 -3.43
N SER D 56 32.30 -4.67 -3.46
CA SER D 56 32.99 -5.91 -3.08
C SER D 56 33.09 -6.12 -1.57
N ARG D 57 33.13 -5.07 -0.76
CA ARG D 57 33.20 -5.21 0.69
C ARG D 57 31.79 -5.11 1.29
N MET D 58 31.36 -6.16 2.01
CA MET D 58 30.07 -6.10 2.68
C MET D 58 30.06 -7.00 3.91
N TYR D 59 29.28 -6.57 4.91
CA TYR D 59 29.12 -7.29 6.17
C TYR D 59 27.65 -7.30 6.58
N HIS D 60 27.26 -8.34 7.33
CA HIS D 60 25.90 -8.48 7.82
C HIS D 60 25.94 -8.72 9.32
N ALA D 61 24.84 -8.37 10.00
CA ALA D 61 24.72 -8.64 11.43
C ALA D 61 24.39 -10.11 11.69
N ASP D 62 24.77 -10.57 12.90
CA ASP D 62 24.56 -11.97 13.28
C ASP D 62 23.09 -12.37 13.16
N SER D 63 22.18 -11.50 13.61
CA SER D 63 20.76 -11.84 13.65
C SER D 63 20.21 -12.11 12.26
N VAL D 64 20.81 -11.51 11.23
CA VAL D 64 20.33 -11.58 9.86
C VAL D 64 21.29 -12.29 8.92
N LYS D 65 22.43 -12.77 9.40
CA LYS D 65 23.41 -13.37 8.51
C LYS D 65 22.86 -14.65 7.88
N GLY D 66 23.09 -14.79 6.58
CA GLY D 66 22.60 -15.91 5.82
C GLY D 66 21.19 -15.77 5.31
N ARG D 67 20.41 -14.84 5.87
CA ARG D 67 19.05 -14.58 5.45
C ARG D 67 18.87 -13.25 4.72
N PHE D 68 19.56 -12.20 5.15
CA PHE D 68 19.48 -10.90 4.51
C PHE D 68 20.72 -10.63 3.66
N THR D 69 20.51 -9.89 2.59
CA THR D 69 21.59 -9.49 1.69
C THR D 69 21.40 -8.02 1.34
N ILE D 70 22.50 -7.27 1.33
CA ILE D 70 22.51 -5.90 0.86
C ILE D 70 23.23 -5.82 -0.48
N SER D 71 22.87 -4.82 -1.28
CA SER D 71 23.47 -4.66 -2.60
C SER D 71 23.23 -3.24 -3.09
N ARG D 72 23.90 -2.90 -4.19
CA ARG D 72 23.79 -1.56 -4.76
C ARG D 72 23.89 -1.66 -6.27
N ASP D 73 23.18 -0.77 -6.95
CA ASP D 73 23.21 -0.60 -8.40
C ASP D 73 23.63 0.85 -8.69
N ASP D 74 24.93 1.06 -8.93
CA ASP D 74 25.42 2.42 -9.14
C ASP D 74 24.84 3.05 -10.40
N SER D 75 24.49 2.23 -11.40
CA SER D 75 23.90 2.79 -12.61
C SER D 75 22.52 3.40 -12.36
N LYS D 76 21.82 2.96 -11.31
CA LYS D 76 20.50 3.50 -10.99
C LYS D 76 20.48 4.20 -9.64
N ASN D 77 21.65 4.38 -9.02
CA ASN D 77 21.80 5.09 -7.75
C ASN D 77 20.87 4.54 -6.67
N THR D 78 20.77 3.22 -6.59
CA THR D 78 19.83 2.57 -5.68
C THR D 78 20.52 1.52 -4.82
N LEU D 79 20.20 1.52 -3.54
CA LEU D 79 20.66 0.50 -2.59
C LEU D 79 19.52 -0.47 -2.31
N PHE D 80 19.85 -1.75 -2.13
CA PHE D 80 18.86 -2.79 -1.93
C PHE D 80 19.17 -3.62 -0.69
N LEU D 81 18.12 -4.20 -0.13
CA LEU D 81 18.24 -5.21 0.93
C LEU D 81 17.25 -6.31 0.64
N GLN D 82 17.76 -7.47 0.22
CA GLN D 82 16.94 -8.64 -0.05
C GLN D 82 16.79 -9.41 1.25
N MET D 83 15.57 -9.55 1.72
CA MET D 83 15.30 -10.17 3.01
C MET D 83 14.60 -11.51 2.77
N ASN D 84 15.32 -12.59 3.00
CA ASN D 84 14.82 -13.95 2.85
C ASN D 84 14.66 -14.57 4.23
N ASN D 85 13.86 -15.63 4.29
CA ASN D 85 13.65 -16.40 5.52
C ASN D 85 13.23 -15.47 6.65
N LEU D 86 12.24 -14.63 6.36
CA LEU D 86 11.83 -13.58 7.27
C LEU D 86 11.29 -14.16 8.57
N ARG D 87 11.57 -13.47 9.68
CA ARG D 87 11.08 -13.86 10.99
C ARG D 87 10.31 -12.70 11.62
N ALA D 88 9.48 -13.06 12.60
CA ALA D 88 8.64 -12.08 13.28
C ALA D 88 9.47 -10.92 13.84
N GLU D 89 10.66 -11.23 14.38
CA GLU D 89 11.52 -10.21 14.97
C GLU D 89 12.17 -9.31 13.92
N ASP D 90 11.95 -9.56 12.63
CA ASP D 90 12.41 -8.59 11.64
C ASP D 90 11.44 -7.43 11.48
N THR D 91 10.28 -7.48 12.14
CA THR D 91 9.32 -6.39 12.09
C THR D 91 9.93 -5.14 12.69
N ALA D 92 10.00 -4.08 11.89
CA ALA D 92 10.68 -2.85 12.29
C ALA D 92 10.51 -1.82 11.19
N VAL D 93 10.75 -0.56 11.53
CA VAL D 93 10.91 0.46 10.52
C VAL D 93 12.36 0.42 10.05
N TYR D 94 12.57 0.35 8.74
CA TYR D 94 13.90 0.22 8.18
C TYR D 94 14.32 1.53 7.53
N TYR D 95 15.49 2.03 7.93
CA TYR D 95 16.05 3.26 7.40
C TYR D 95 17.29 2.90 6.62
N CYS D 96 17.45 3.44 5.42
CA CYS D 96 18.76 3.44 4.81
C CYS D 96 19.47 4.74 5.18
N THR D 97 20.74 4.65 5.53
CA THR D 97 21.38 5.91 5.90
C THR D 97 22.88 5.78 5.77
N THR D 98 23.50 6.88 5.34
CA THR D 98 24.95 7.02 5.31
C THR D 98 25.52 7.35 6.68
N LEU D 99 26.61 6.71 7.07
CA LEU D 99 27.04 6.79 8.47
C LEU D 99 27.96 8.00 8.47
N LEU D 100 28.92 8.08 9.39
CA LEU D 100 29.66 9.32 9.51
C LEU D 100 30.52 9.49 8.26
N ILE D 101 30.40 10.67 7.66
CA ILE D 101 31.24 11.18 6.58
C ILE D 101 32.08 12.34 7.11
N TYR D 102 33.39 12.14 7.14
CA TYR D 102 34.38 13.07 7.69
C TYR D 102 35.28 13.49 6.55
N GLU D 103 35.05 14.71 6.07
CA GLU D 103 35.83 15.30 4.99
C GLU D 103 35.75 16.81 5.13
N SER D 104 36.83 17.47 4.69
CA SER D 104 37.01 18.91 4.90
C SER D 104 36.81 19.26 6.37
N ASP D 105 37.20 18.34 7.26
CA ASP D 105 37.20 18.55 8.71
C ASP D 105 35.80 18.89 9.23
N VAL D 106 34.76 18.44 8.52
CA VAL D 106 33.37 18.59 8.92
C VAL D 106 32.65 17.26 8.80
N GLY D 107 31.73 17.00 9.72
CA GLY D 107 30.95 15.77 9.76
C GLY D 107 29.50 15.99 9.34
N VAL D 108 29.04 15.26 8.34
CA VAL D 108 27.67 15.35 7.85
C VAL D 108 27.09 13.95 7.78
N ASP D 109 25.76 13.88 7.70
CA ASP D 109 25.05 12.62 7.75
C ASP D 109 23.66 12.79 7.17
N PHE D 110 23.27 11.87 6.29
CA PHE D 110 22.01 11.92 5.58
C PHE D 110 21.28 10.61 5.86
N TRP D 111 19.99 10.72 6.09
CA TRP D 111 19.13 9.60 6.42
C TRP D 111 17.88 9.61 5.57
N GLY D 112 17.36 8.43 5.26
CA GLY D 112 16.06 8.34 4.63
C GLY D 112 14.95 8.52 5.64
N GLN D 113 13.71 8.55 5.14
CA GLN D 113 12.56 8.74 6.00
C GLN D 113 12.12 7.45 6.69
N GLY D 114 12.61 6.30 6.23
CA GLY D 114 12.23 5.03 6.83
C GLY D 114 10.99 4.45 6.18
N THR D 115 10.91 3.13 6.17
CA THR D 115 9.74 2.43 5.66
C THR D 115 9.41 1.28 6.60
N LEU D 116 8.13 1.13 6.93
CA LEU D 116 7.75 0.15 7.95
C LEU D 116 7.55 -1.21 7.30
N VAL D 117 8.22 -2.21 7.87
CA VAL D 117 8.10 -3.60 7.47
C VAL D 117 7.46 -4.40 8.60
N THR D 118 6.35 -5.09 8.31
CA THR D 118 5.69 -5.91 9.31
C THR D 118 5.76 -7.34 8.81
N VAL D 119 6.37 -8.21 9.61
CA VAL D 119 6.54 -9.62 9.29
C VAL D 119 5.65 -10.46 10.19
N SER D 120 4.58 -11.02 9.62
CA SER D 120 3.62 -11.77 10.43
C SER D 120 2.88 -12.73 9.51
N SER D 121 2.38 -13.81 10.09
CA SER D 121 1.58 -14.77 9.35
C SER D 121 0.10 -14.42 9.34
N ALA D 122 -0.30 -13.45 10.16
CA ALA D 122 -1.71 -13.11 10.24
C ALA D 122 -2.19 -12.40 8.97
N SER D 123 -3.49 -12.52 8.73
CA SER D 123 -4.19 -11.96 7.59
C SER D 123 -4.54 -10.51 7.91
N THR D 124 -4.72 -9.69 6.88
CA THR D 124 -5.15 -8.34 7.20
C THR D 124 -6.56 -8.41 7.76
N LYS D 125 -6.78 -7.61 8.80
CA LYS D 125 -8.05 -7.54 9.49
C LYS D 125 -8.28 -6.13 10.02
N GLY D 126 -9.45 -5.60 9.73
CA GLY D 126 -9.81 -4.29 10.19
C GLY D 126 -10.18 -4.47 11.65
N PRO D 127 -10.16 -3.39 12.43
CA PRO D 127 -10.38 -3.54 13.86
C PRO D 127 -11.85 -3.49 14.21
N SER D 128 -12.17 -4.12 15.33
CA SER D 128 -13.46 -3.96 15.94
C SER D 128 -13.34 -2.86 16.98
N VAL D 129 -14.35 -2.01 17.05
CA VAL D 129 -14.35 -0.84 17.91
C VAL D 129 -15.47 -1.03 18.93
N PHE D 130 -15.10 -1.00 20.20
CA PHE D 130 -16.03 -1.16 21.28
C PHE D 130 -15.97 0.05 22.20
N PRO D 131 -17.12 0.56 22.63
CA PRO D 131 -17.13 1.75 23.45
C PRO D 131 -16.66 1.42 24.86
N LEU D 132 -15.97 2.38 25.47
CA LEU D 132 -15.58 2.30 26.87
C LEU D 132 -16.41 3.35 27.59
N ALA D 133 -17.49 2.91 28.24
CA ALA D 133 -18.29 3.99 28.76
C ALA D 133 -18.15 4.16 30.26
N PRO D 134 -18.20 5.41 30.74
CA PRO D 134 -18.14 5.67 32.18
C PRO D 134 -19.41 5.19 32.88
N SER D 135 -19.31 5.08 34.20
CA SER D 135 -20.50 5.02 35.04
C SER D 135 -21.08 6.42 35.18
N SER D 136 -22.40 6.50 35.33
CA SER D 136 -23.05 7.80 35.51
C SER D 136 -22.60 8.50 36.79
N LYS D 137 -22.03 7.75 37.74
CA LYS D 137 -21.50 8.36 38.95
C LYS D 137 -20.12 8.96 38.72
N SER D 138 -19.32 8.37 37.82
CA SER D 138 -17.99 8.92 37.55
C SER D 138 -18.05 10.26 36.83
N THR D 139 -19.25 10.70 36.45
CA THR D 139 -19.44 11.96 35.75
C THR D 139 -19.88 13.09 36.68
N SER D 140 -20.20 12.78 37.94
CA SER D 140 -20.65 13.83 38.86
C SER D 140 -19.50 14.74 39.27
N GLY D 141 -18.28 14.20 39.36
CA GLY D 141 -17.13 14.98 39.78
C GLY D 141 -16.59 15.91 38.72
N GLY D 142 -17.45 16.75 38.14
CA GLY D 142 -17.02 17.69 37.14
C GLY D 142 -16.78 17.08 35.78
N THR D 143 -15.58 16.54 35.57
CA THR D 143 -15.21 15.91 34.31
C THR D 143 -15.56 14.43 34.31
N ALA D 144 -15.81 13.91 33.12
CA ALA D 144 -16.14 12.53 32.85
C ALA D 144 -15.29 12.09 31.68
N ALA D 145 -14.93 10.81 31.63
CA ALA D 145 -14.13 10.42 30.48
C ALA D 145 -14.80 9.25 29.79
N LEU D 146 -14.38 9.06 28.55
CA LEU D 146 -14.88 8.02 27.69
C LEU D 146 -13.89 7.73 26.58
N GLY D 147 -14.03 6.58 25.95
CA GLY D 147 -13.11 6.26 24.89
C GLY D 147 -13.55 5.09 24.05
N CYS D 148 -12.60 4.55 23.31
CA CYS D 148 -12.87 3.43 22.40
C CYS D 148 -11.79 2.37 22.52
N LEU D 149 -12.22 1.12 22.50
CA LEU D 149 -11.29 0.00 22.53
C LEU D 149 -11.16 -0.50 21.10
N VAL D 150 -9.95 -0.40 20.55
CA VAL D 150 -9.68 -0.81 19.18
C VAL D 150 -8.92 -2.12 19.26
N LYS D 151 -9.62 -3.21 18.95
CA LYS D 151 -9.15 -4.55 19.25
C LYS D 151 -9.03 -5.38 17.98
N ASP D 152 -7.98 -6.20 17.90
CA ASP D 152 -7.87 -7.26 16.91
C ASP D 152 -7.86 -6.70 15.49
N TYR D 153 -6.75 -6.04 15.16
CA TYR D 153 -6.52 -5.51 13.83
C TYR D 153 -5.10 -5.85 13.41
N PHE D 154 -4.88 -5.82 12.09
CA PHE D 154 -3.56 -6.05 11.54
C PHE D 154 -3.53 -5.58 10.10
N PRO D 155 -2.43 -4.95 9.65
CA PRO D 155 -1.28 -4.59 10.49
C PRO D 155 -1.39 -3.20 11.07
N GLU D 156 -0.32 -2.75 11.70
CA GLU D 156 -0.22 -1.35 12.04
C GLU D 156 -0.18 -0.54 10.74
N PRO D 157 -0.62 0.72 10.76
CA PRO D 157 -1.18 1.37 11.93
C PRO D 157 -2.67 1.61 11.79
N VAL D 158 -3.28 2.02 12.89
CA VAL D 158 -4.61 2.59 12.89
C VAL D 158 -4.46 4.02 13.37
N THR D 159 -5.37 4.87 12.92
CA THR D 159 -5.42 6.25 13.36
C THR D 159 -6.79 6.48 13.97
N VAL D 160 -6.81 7.17 15.10
CA VAL D 160 -8.04 7.39 15.85
C VAL D 160 -8.20 8.87 16.07
N SER D 161 -9.31 9.41 15.58
CA SER D 161 -9.73 10.77 15.86
C SER D 161 -11.01 10.75 16.67
N TRP D 162 -11.41 11.93 17.13
CA TRP D 162 -12.60 12.13 17.96
C TRP D 162 -13.41 13.23 17.30
N ASN D 163 -14.67 12.91 16.98
CA ASN D 163 -15.56 13.81 16.25
C ASN D 163 -14.90 14.25 14.95
N SER D 164 -14.48 13.24 14.18
CA SER D 164 -13.88 13.45 12.86
C SER D 164 -12.64 14.34 12.92
N GLY D 165 -11.90 14.26 14.02
CA GLY D 165 -10.68 15.04 14.16
C GLY D 165 -10.87 16.45 14.69
N ALA D 166 -12.08 16.80 15.13
CA ALA D 166 -12.31 18.14 15.62
C ALA D 166 -11.84 18.28 17.06
N LEU D 167 -12.11 17.29 17.88
CA LEU D 167 -11.77 17.32 19.30
C LEU D 167 -10.33 16.82 19.46
N THR D 168 -9.47 17.66 20.04
CA THR D 168 -8.06 17.31 20.25
C THR D 168 -7.58 17.58 21.66
N SER D 169 -8.30 18.35 22.46
CA SER D 169 -7.81 18.63 23.80
C SER D 169 -8.19 17.47 24.70
N GLY D 170 -7.22 16.94 25.43
CA GLY D 170 -7.48 15.88 26.38
C GLY D 170 -7.64 14.50 25.77
N VAL D 171 -7.25 14.31 24.51
CA VAL D 171 -7.39 13.02 23.85
C VAL D 171 -6.09 12.26 24.05
N HIS D 172 -6.19 11.02 24.51
CA HIS D 172 -5.03 10.15 24.64
C HIS D 172 -5.26 8.88 23.84
N THR D 173 -4.49 8.70 22.76
CA THR D 173 -4.51 7.46 21.99
C THR D 173 -3.27 6.66 22.37
N PHE D 174 -3.48 5.46 22.90
CA PHE D 174 -2.39 4.71 23.50
C PHE D 174 -1.61 3.92 22.46
N PRO D 175 -0.32 3.68 22.69
CA PRO D 175 0.44 2.80 21.79
C PRO D 175 -0.17 1.40 21.71
N ALA D 176 -0.24 0.88 20.48
CA ALA D 176 -0.73 -0.47 20.25
C ALA D 176 0.16 -1.50 20.95
N VAL D 177 -0.45 -2.59 21.39
CA VAL D 177 0.27 -3.72 21.98
C VAL D 177 -0.05 -4.96 21.15
N LEU D 178 0.98 -5.71 20.79
CA LEU D 178 0.79 -6.91 19.99
C LEU D 178 0.31 -8.02 20.93
N GLN D 179 -0.92 -8.47 20.75
CA GLN D 179 -1.46 -9.52 21.59
C GLN D 179 -0.86 -10.88 21.22
N SER D 180 -1.12 -11.87 22.08
CA SER D 180 -0.62 -13.20 21.83
C SER D 180 -1.24 -13.81 20.57
N SER D 181 -2.40 -13.33 20.15
CA SER D 181 -3.02 -13.80 18.92
C SER D 181 -2.29 -13.30 17.68
N GLY D 182 -1.29 -12.45 17.84
CA GLY D 182 -0.63 -11.82 16.72
C GLY D 182 -1.32 -10.59 16.17
N LEU D 183 -2.42 -10.16 16.79
CA LEU D 183 -3.16 -8.98 16.40
C LEU D 183 -2.93 -7.86 17.39
N TYR D 184 -2.94 -6.63 16.89
CA TYR D 184 -2.72 -5.47 17.73
C TYR D 184 -4.02 -5.05 18.40
N SER D 185 -3.88 -4.27 19.47
CA SER D 185 -5.04 -3.73 20.19
C SER D 185 -4.60 -2.47 20.93
N LEU D 186 -5.47 -1.45 20.91
CA LEU D 186 -5.19 -0.23 21.67
C LEU D 186 -6.52 0.38 22.10
N SER D 187 -6.43 1.41 22.96
CA SER D 187 -7.58 2.20 23.35
C SER D 187 -7.21 3.67 23.23
N SER D 188 -8.23 4.48 22.96
CA SER D 188 -8.09 5.93 22.87
C SER D 188 -9.13 6.61 23.74
N VAL D 189 -8.72 7.34 24.77
CA VAL D 189 -9.69 7.92 25.69
C VAL D 189 -9.64 9.43 25.53
N VAL D 190 -10.72 10.11 25.90
CA VAL D 190 -10.75 11.56 25.89
C VAL D 190 -11.64 12.09 27.01
N THR D 191 -11.13 13.06 27.79
CA THR D 191 -11.88 13.60 28.92
C THR D 191 -12.66 14.81 28.42
N VAL D 192 -13.96 14.83 28.67
CA VAL D 192 -14.79 15.97 28.29
C VAL D 192 -15.74 16.37 29.42
N PRO D 193 -16.18 17.63 29.48
CA PRO D 193 -16.96 18.08 30.64
C PRO D 193 -18.29 17.35 30.68
N SER D 194 -18.62 16.81 31.87
CA SER D 194 -19.86 16.06 32.02
C SER D 194 -21.09 16.90 31.70
N SER D 195 -20.95 18.21 31.65
CA SER D 195 -22.10 19.08 31.42
C SER D 195 -22.55 18.97 29.96
N SER D 196 -21.62 19.25 29.05
CA SER D 196 -21.85 19.11 27.62
C SER D 196 -22.23 17.70 27.16
N LEU D 197 -22.36 16.74 28.06
CA LEU D 197 -22.72 15.39 27.66
C LEU D 197 -24.09 15.32 26.98
N GLY D 198 -25.15 15.77 27.67
CA GLY D 198 -26.46 15.62 27.07
C GLY D 198 -26.65 16.50 25.85
N THR D 199 -26.02 17.68 25.86
CA THR D 199 -26.21 18.63 24.77
C THR D 199 -25.63 18.09 23.45
N GLN D 200 -24.40 17.54 23.48
CA GLN D 200 -23.68 17.14 22.27
C GLN D 200 -23.51 15.62 22.20
N THR D 201 -22.72 15.17 21.22
CA THR D 201 -22.34 13.76 21.10
C THR D 201 -20.90 13.51 20.63
N TYR D 202 -20.17 12.69 21.39
CA TYR D 202 -18.76 12.38 21.10
C TYR D 202 -18.69 11.03 20.39
N ILE D 203 -17.96 10.99 19.27
CA ILE D 203 -17.78 9.79 18.43
C ILE D 203 -16.29 9.58 18.17
N CYS D 204 -15.83 8.31 18.21
CA CYS D 204 -14.44 8.07 17.86
C CYS D 204 -14.41 7.54 16.44
N ASN D 205 -13.43 8.02 15.68
CA ASN D 205 -13.24 7.70 14.27
C ASN D 205 -12.00 6.82 14.10
N VAL D 206 -12.21 5.53 13.94
CA VAL D 206 -11.12 4.59 13.80
C VAL D 206 -10.90 4.41 12.31
N ASN D 207 -9.64 4.51 11.88
CA ASN D 207 -9.27 4.36 10.49
C ASN D 207 -8.14 3.35 10.38
N HIS D 208 -8.38 2.30 9.61
CA HIS D 208 -7.39 1.25 9.32
C HIS D 208 -7.24 1.19 7.81
N LYS D 209 -6.33 2.00 7.28
CA LYS D 209 -6.13 2.04 5.83
C LYS D 209 -5.74 0.69 5.22
N PRO D 210 -4.94 -0.16 5.87
CA PRO D 210 -4.62 -1.45 5.25
C PRO D 210 -5.84 -2.29 4.90
N SER D 211 -6.94 -2.16 5.65
CA SER D 211 -8.17 -2.89 5.36
C SER D 211 -9.25 -2.04 4.70
N ASN D 212 -8.99 -0.75 4.40
CA ASN D 212 -9.99 0.13 3.79
C ASN D 212 -11.24 0.21 4.65
N THR D 213 -11.04 0.22 5.97
CA THR D 213 -12.10 0.28 6.95
C THR D 213 -12.08 1.60 7.73
N LYS D 214 -13.27 2.14 7.97
CA LYS D 214 -13.46 3.34 8.77
C LYS D 214 -14.67 3.05 9.65
N VAL D 215 -14.52 3.25 10.96
CA VAL D 215 -15.57 2.92 11.90
C VAL D 215 -15.79 4.12 12.81
N ASP D 216 -17.06 4.44 13.06
CA ASP D 216 -17.46 5.49 13.99
C ASP D 216 -18.38 4.90 15.05
N LYS D 217 -17.87 4.79 16.28
CA LYS D 217 -18.58 4.17 17.39
C LYS D 217 -18.93 5.28 18.38
N LYS D 218 -20.22 5.61 18.53
CA LYS D 218 -20.59 6.61 19.53
C LYS D 218 -20.35 6.11 20.94
N VAL D 219 -19.79 6.99 21.76
CA VAL D 219 -19.38 6.76 23.15
C VAL D 219 -20.21 7.65 24.06
N GLU D 220 -20.89 7.04 25.03
CA GLU D 220 -21.76 7.77 25.95
C GLU D 220 -21.76 7.00 27.26
N PRO D 221 -22.08 7.65 28.38
CA PRO D 221 -22.14 6.94 29.67
C PRO D 221 -23.39 6.11 29.88
N LYS D 222 -23.32 5.30 30.94
CA LYS D 222 -24.38 4.38 31.40
C LYS D 222 -25.12 3.71 30.26
N ALA E 2 -6.76 25.92 -27.48
CA ALA E 2 -5.69 25.09 -28.04
C ALA E 2 -4.69 24.66 -26.98
N ASN E 3 -3.59 24.06 -27.43
CA ASN E 3 -2.56 23.54 -26.53
C ASN E 3 -1.51 24.62 -26.29
N PRO E 4 -1.37 25.13 -25.07
CA PRO E 4 -0.41 26.23 -24.85
C PRO E 4 1.04 25.84 -25.10
N ASN E 5 1.40 24.59 -24.80
CA ASN E 5 2.74 24.11 -25.07
C ASN E 5 3.02 23.94 -26.56
N ALA E 6 1.96 23.92 -27.38
CA ALA E 6 2.10 24.00 -28.84
C ALA E 6 1.80 25.43 -29.25
N ASN E 7 2.81 26.30 -29.08
CA ASN E 7 2.71 27.75 -29.18
C ASN E 7 1.92 28.20 -30.41
N PRO E 8 0.67 28.63 -30.22
CA PRO E 8 -0.24 29.06 -31.28
C PRO E 8 0.13 30.43 -31.87
C1 GOL F . 13.62 19.99 -22.31
O1 GOL F . 13.87 18.64 -22.65
C2 GOL F . 13.28 20.75 -23.58
O2 GOL F . 12.57 19.88 -24.44
C3 GOL F . 12.40 21.96 -23.26
O3 GOL F . 12.07 22.61 -24.46
C1 GOL G . 35.47 5.63 4.87
O1 GOL G . 36.01 5.32 6.14
C2 GOL G . 34.57 6.85 5.00
O2 GOL G . 34.74 7.47 6.26
C3 GOL G . 33.10 6.44 4.82
O3 GOL G . 32.28 7.54 5.14
#